data_8K9X
#
_entry.id   8K9X
#
_cell.length_a   71.671
_cell.length_b   99.494
_cell.length_c   171.420
_cell.angle_alpha   90.00
_cell.angle_beta   90.00
_cell.angle_gamma   90.00
#
_symmetry.space_group_name_H-M   'P 21 21 21'
#
loop_
_entity.id
_entity.type
_entity.pdbx_description
1 polymer 'Lysine--tRNA ligase'
2 non-polymer (2~{S})-2,6-bis(azanyl)-~{N}-[3-[2-[[4-[(2,5-dimethoxyphenyl)amino]-1,3,5-triazin-2-yl]amino]phenyl]sulfonylpropyl]hexanamide
3 non-polymer '2-(N-MORPHOLINO)-ETHANESULFONIC ACID'
4 water water
#
_entity_poly.entity_id   1
_entity_poly.type   'polypeptide(L)'
_entity_poly.pdbx_seq_one_letter_code
;MEVDPRLYFENRSKFIQDQKDKGINPYPHKFERTISIPEFIEKYKDLGNGEHLEDTILNITGRIMRVSASGQKLRFFDLV
GDGEKIQVLANYSFHNHEKGNFAECYDKIRRGDIVGIVGFPGKSKKGELSIFPKETILLSACLHMLPMKYGLKDTEIRYR
QRYLDLLINESSRHTFVTRTKIINFLRNFLNERGFFEVETPMMNLIAGGANARPFITHHNDLDLDLYLRIATELPLKMLI
VGGIDKVYEIGKVFRNEGIDNTHNPEFTSCEFYWAYADYNDLIKWSEDFFSQLVYHLFGTYKISYNKDGPENQPIEIDFT
PPYPKVSIVEEIEKVTNTILEQPFDSNETIEKMINIIKEHKIELPNPPTAAKLLDQLASHFIENKYNDKPFFIVEHPQIM
SPLAKYHRTKPGLTERLEMFICGKEVLNAYTELNDPFKQKECFKLQQKDREKGDTEAAQLDSAFCTSLEYGLPPTGGLGL
GIDRITMFLTNKNSIKDVILFPTMRPANGGHHHHHH
;
_entity_poly.pdbx_strand_id   A,B
#
# COMPACT_ATOMS: atom_id res chain seq x y z
N ASP A 4 -33.32 -26.86 -10.41
CA ASP A 4 -33.37 -25.42 -10.23
C ASP A 4 -32.37 -25.00 -9.18
N PRO A 5 -31.48 -24.07 -9.52
CA PRO A 5 -30.69 -23.45 -8.45
C PRO A 5 -31.60 -22.80 -7.44
N ARG A 6 -32.74 -22.25 -7.88
CA ARG A 6 -33.66 -21.60 -6.96
C ARG A 6 -34.21 -22.61 -5.96
N LEU A 7 -34.61 -23.77 -6.45
CA LEU A 7 -35.22 -24.79 -5.61
C LEU A 7 -34.20 -25.46 -4.70
N TYR A 8 -32.98 -25.66 -5.21
CA TYR A 8 -31.91 -26.23 -4.40
C TYR A 8 -31.59 -25.33 -3.22
N PHE A 9 -31.62 -24.03 -3.44
CA PHE A 9 -31.37 -23.10 -2.34
C PHE A 9 -32.43 -23.22 -1.25
N GLU A 10 -33.70 -23.36 -1.64
CA GLU A 10 -34.74 -23.43 -0.61
C GLU A 10 -34.70 -24.74 0.16
N ASN A 11 -34.39 -25.85 -0.51
CA ASN A 11 -34.25 -27.13 0.18
C ASN A 11 -33.18 -27.03 1.26
N ARG A 12 -32.00 -26.54 0.89
CA ARG A 12 -30.92 -26.38 1.83
C ARG A 12 -31.29 -25.43 2.96
N SER A 13 -31.94 -24.31 2.64
CA SER A 13 -32.30 -23.35 3.67
C SER A 13 -33.28 -23.97 4.66
N LYS A 14 -34.27 -24.72 4.15
CA LYS A 14 -35.14 -25.48 5.03
C LYS A 14 -34.34 -26.49 5.86
N PHE A 15 -33.35 -27.13 5.26
CA PHE A 15 -32.50 -28.06 6.01
C PHE A 15 -31.80 -27.34 7.16
N ILE A 16 -31.43 -26.07 6.95
CA ILE A 16 -30.73 -25.31 7.99
C ILE A 16 -31.62 -25.11 9.20
N GLN A 17 -32.88 -24.75 8.97
CA GLN A 17 -33.84 -24.72 10.07
C GLN A 17 -34.08 -26.11 10.64
N ASP A 18 -34.26 -27.12 9.77
CA ASP A 18 -34.48 -28.49 10.24
C ASP A 18 -33.39 -28.91 11.22
N GLN A 19 -32.13 -28.63 10.87
CA GLN A 19 -31.03 -28.93 11.77
C GLN A 19 -31.15 -28.13 13.06
N LYS A 20 -31.60 -26.88 12.96
CA LYS A 20 -31.70 -26.03 14.15
C LYS A 20 -32.71 -26.57 15.13
N ASP A 21 -33.82 -27.08 14.62
CA ASP A 21 -34.93 -27.61 15.42
C ASP A 21 -34.74 -29.06 15.83
N LYS A 22 -33.62 -29.68 15.46
CA LYS A 22 -33.13 -30.90 16.08
C LYS A 22 -32.10 -30.60 17.17
N GLY A 23 -31.88 -29.33 17.47
CA GLY A 23 -30.90 -28.93 18.47
C GLY A 23 -29.46 -28.85 18.01
N ILE A 24 -29.19 -29.06 16.72
CA ILE A 24 -27.82 -29.00 16.20
C ILE A 24 -27.60 -27.62 15.58
N ASN A 25 -26.58 -26.89 16.06
CA ASN A 25 -26.23 -25.60 15.46
C ASN A 25 -25.43 -25.85 14.18
N PRO A 26 -25.94 -25.45 13.01
CA PRO A 26 -25.20 -25.69 11.77
C PRO A 26 -24.06 -24.71 11.55
N TYR A 27 -23.89 -23.73 12.43
CA TYR A 27 -22.80 -22.77 12.35
C TYR A 27 -22.10 -22.68 13.70
N PRO A 28 -21.36 -23.72 14.08
CA PRO A 28 -20.71 -23.71 15.40
C PRO A 28 -19.63 -22.63 15.49
N HIS A 29 -19.25 -22.33 16.73
CA HIS A 29 -18.37 -21.17 16.93
C HIS A 29 -16.95 -21.45 16.50
N LYS A 30 -16.38 -22.56 16.95
CA LYS A 30 -14.95 -22.77 16.84
C LYS A 30 -14.63 -24.25 16.80
N PHE A 31 -13.77 -24.62 15.86
CA PHE A 31 -13.24 -25.96 15.69
C PHE A 31 -11.73 -25.87 15.82
N GLU A 32 -11.16 -26.66 16.73
CA GLU A 32 -9.73 -26.59 17.05
C GLU A 32 -8.93 -27.38 16.03
N ARG A 33 -8.50 -26.73 14.97
CA ARG A 33 -7.70 -27.39 13.94
C ARG A 33 -6.29 -27.69 14.43
N THR A 34 -5.76 -28.85 14.02
CA THR A 34 -4.44 -29.34 14.40
C THR A 34 -3.39 -29.06 13.34
N ILE A 35 -3.79 -28.99 12.07
CA ILE A 35 -2.87 -29.06 10.95
C ILE A 35 -3.61 -28.58 9.71
N SER A 36 -2.90 -27.87 8.85
CA SER A 36 -3.48 -27.44 7.59
C SER A 36 -3.39 -28.56 6.55
N ILE A 37 -4.18 -28.41 5.48
CA ILE A 37 -4.11 -29.37 4.37
C ILE A 37 -2.75 -29.37 3.70
N PRO A 38 -2.15 -28.23 3.29
CA PRO A 38 -0.79 -28.28 2.73
C PRO A 38 0.25 -28.87 3.67
N GLU A 39 0.13 -28.61 4.97
CA GLU A 39 1.01 -29.23 5.96
C GLU A 39 0.73 -30.72 6.08
N PHE A 40 -0.52 -31.12 5.88
CA PHE A 40 -0.88 -32.53 5.91
C PHE A 40 -0.23 -33.27 4.75
N ILE A 41 -0.29 -32.70 3.55
CA ILE A 41 0.25 -33.38 2.38
C ILE A 41 1.76 -33.53 2.51
N GLU A 42 2.46 -32.46 2.88
CA GLU A 42 3.91 -32.54 3.03
C GLU A 42 4.28 -33.59 4.08
N LYS A 43 3.63 -33.55 5.23
CA LYS A 43 4.03 -34.40 6.34
C LYS A 43 3.79 -35.89 6.04
N TYR A 44 2.79 -36.23 5.22
CA TYR A 44 2.43 -37.63 5.07
C TYR A 44 2.43 -38.07 3.61
N LYS A 45 3.13 -37.38 2.71
CA LYS A 45 3.06 -37.73 1.30
C LYS A 45 3.82 -39.01 0.99
N ASP A 46 4.89 -39.30 1.72
CA ASP A 46 5.78 -40.40 1.36
C ASP A 46 5.44 -41.71 2.08
N LEU A 47 4.30 -41.80 2.75
CA LEU A 47 3.88 -43.09 3.29
C LEU A 47 3.67 -44.09 2.16
N GLY A 48 3.71 -45.37 2.53
CA GLY A 48 3.45 -46.41 1.57
C GLY A 48 1.96 -46.57 1.28
N ASN A 49 1.64 -47.17 0.13
CA ASN A 49 0.24 -47.36 -0.24
C ASN A 49 -0.46 -48.22 0.80
N GLY A 50 -1.77 -47.97 0.98
CA GLY A 50 -2.58 -48.71 1.92
C GLY A 50 -2.20 -48.57 3.38
N GLU A 51 -1.13 -47.85 3.71
CA GLU A 51 -0.65 -47.73 5.07
C GLU A 51 -1.51 -46.75 5.87
N HIS A 52 -1.88 -47.15 7.09
CA HIS A 52 -2.66 -46.30 8.00
C HIS A 52 -1.81 -45.97 9.23
N LEU A 53 -1.80 -44.70 9.64
CA LEU A 53 -1.21 -44.30 10.91
C LEU A 53 -2.35 -44.09 11.90
N GLU A 54 -2.84 -45.21 12.44
CA GLU A 54 -4.09 -45.17 13.19
C GLU A 54 -3.97 -44.49 14.54
N ASP A 55 -2.76 -44.39 15.09
CA ASP A 55 -2.60 -43.77 16.41
C ASP A 55 -2.67 -42.26 16.36
N THR A 56 -2.20 -41.64 15.27
CA THR A 56 -2.16 -40.19 15.18
C THR A 56 -3.56 -39.67 14.89
N ILE A 57 -4.09 -38.86 15.79
CA ILE A 57 -5.42 -38.29 15.64
C ILE A 57 -5.29 -36.79 15.35
N LEU A 58 -5.87 -36.36 14.24
CA LEU A 58 -5.72 -35.00 13.75
C LEU A 58 -7.07 -34.33 13.69
N ASN A 59 -7.06 -33.01 13.89
CA ASN A 59 -8.21 -32.16 13.61
C ASN A 59 -7.88 -31.38 12.34
N ILE A 60 -8.75 -31.44 11.35
CA ILE A 60 -8.49 -30.81 10.06
C ILE A 60 -9.79 -30.26 9.52
N THR A 61 -9.70 -29.16 8.77
CA THR A 61 -10.84 -28.52 8.14
C THR A 61 -10.57 -28.41 6.64
N GLY A 62 -11.63 -28.09 5.91
CA GLY A 62 -11.51 -27.84 4.49
C GLY A 62 -12.89 -27.84 3.86
N ARG A 63 -12.90 -27.60 2.56
CA ARG A 63 -14.13 -27.46 1.81
C ARG A 63 -14.38 -28.73 0.99
N ILE A 64 -15.50 -29.42 1.26
CA ILE A 64 -15.83 -30.61 0.48
C ILE A 64 -16.11 -30.17 -0.94
N MET A 65 -15.36 -30.71 -1.90
CA MET A 65 -15.50 -30.26 -3.27
C MET A 65 -16.06 -31.32 -4.20
N ARG A 66 -16.05 -32.59 -3.78
CA ARG A 66 -16.65 -33.65 -4.59
C ARG A 66 -17.23 -34.74 -3.70
N VAL A 67 -18.39 -35.27 -4.09
CA VAL A 67 -19.12 -36.27 -3.30
C VAL A 67 -19.42 -37.48 -4.18
N SER A 68 -19.09 -38.67 -3.69
CA SER A 68 -19.40 -39.90 -4.42
C SER A 68 -19.69 -41.03 -3.44
N ALA A 69 -20.26 -42.10 -3.98
CA ALA A 69 -20.58 -43.29 -3.19
C ALA A 69 -20.48 -44.55 -4.07
N GLN A 72 -21.12 -48.56 -0.54
CA GLN A 72 -22.31 -48.05 0.15
C GLN A 72 -22.02 -47.75 1.62
N LYS A 73 -21.09 -48.48 2.25
CA LYS A 73 -20.63 -48.17 3.60
C LYS A 73 -19.26 -47.52 3.60
N LEU A 74 -18.73 -47.17 2.43
CA LEU A 74 -17.54 -46.36 2.28
C LEU A 74 -17.94 -45.06 1.58
N ARG A 75 -17.52 -43.95 2.16
CA ARG A 75 -17.82 -42.64 1.60
C ARG A 75 -16.53 -41.95 1.22
N PHE A 76 -16.55 -41.33 0.05
CA PHE A 76 -15.38 -40.69 -0.53
C PHE A 76 -15.69 -39.22 -0.67
N PHE A 77 -14.77 -38.38 -0.23
CA PHE A 77 -14.88 -36.96 -0.50
C PHE A 77 -13.55 -36.41 -0.98
N ASP A 78 -13.63 -35.29 -1.68
CA ASP A 78 -12.49 -34.41 -1.87
C ASP A 78 -12.57 -33.28 -0.85
N LEU A 79 -11.46 -33.05 -0.16
CA LEU A 79 -11.32 -31.97 0.81
C LEU A 79 -10.23 -31.02 0.31
N VAL A 80 -10.56 -29.74 0.21
CA VAL A 80 -9.63 -28.77 -0.35
C VAL A 80 -9.42 -27.65 0.64
N GLY A 81 -8.18 -27.19 0.71
CA GLY A 81 -7.79 -26.08 1.56
C GLY A 81 -6.52 -25.49 1.00
N ASP A 82 -6.48 -24.15 0.91
CA ASP A 82 -5.26 -23.45 0.50
C ASP A 82 -4.82 -23.89 -0.89
N GLY A 83 -5.79 -24.16 -1.75
CA GLY A 83 -5.48 -24.56 -3.10
C GLY A 83 -4.96 -25.97 -3.28
N GLU A 84 -4.99 -26.81 -2.23
CA GLU A 84 -4.55 -28.20 -2.33
C GLU A 84 -5.62 -29.13 -1.82
N LYS A 85 -5.44 -30.42 -2.08
CA LYS A 85 -6.53 -31.37 -1.97
C LYS A 85 -6.05 -32.72 -1.46
N ILE A 86 -6.84 -33.32 -0.55
CA ILE A 86 -6.64 -34.69 -0.10
C ILE A 86 -7.97 -35.41 -0.22
N GLN A 87 -7.96 -36.71 0.02
CA GLN A 87 -9.18 -37.48 -0.04
C GLN A 87 -9.72 -37.74 1.36
N VAL A 88 -11.04 -37.84 1.46
CA VAL A 88 -11.67 -38.26 2.68
C VAL A 88 -12.22 -39.66 2.42
N LEU A 89 -11.82 -40.61 3.24
CA LEU A 89 -12.28 -41.99 3.14
C LEU A 89 -12.99 -42.32 4.47
N ALA A 90 -14.32 -42.20 4.46
CA ALA A 90 -15.14 -42.43 5.64
C ALA A 90 -15.52 -43.90 5.67
N ASN A 91 -14.90 -44.66 6.57
CA ASN A 91 -15.17 -46.07 6.69
C ASN A 91 -16.09 -46.29 7.88
N TYR A 92 -17.15 -47.06 7.67
CA TYR A 92 -18.09 -47.34 8.75
C TYR A 92 -17.39 -47.98 9.94
N SER A 93 -16.38 -48.81 9.67
CA SER A 93 -15.71 -49.53 10.76
C SER A 93 -14.94 -48.59 11.68
N PHE A 94 -14.42 -47.48 11.15
CA PHE A 94 -13.61 -46.53 11.90
C PHE A 94 -14.44 -45.46 12.60
N HIS A 95 -15.77 -45.51 12.46
CA HIS A 95 -16.59 -44.39 12.88
C HIS A 95 -16.89 -44.47 14.37
N ASN A 96 -17.10 -43.31 14.97
CA ASN A 96 -17.50 -43.22 16.36
C ASN A 96 -19.02 -43.21 16.41
N HIS A 97 -19.62 -44.38 16.61
CA HIS A 97 -21.06 -44.52 16.54
C HIS A 97 -21.76 -43.80 17.68
N GLU A 98 -21.02 -43.31 18.67
CA GLU A 98 -21.64 -42.56 19.76
C GLU A 98 -22.10 -41.18 19.29
N LYS A 99 -21.36 -40.54 18.38
CA LYS A 99 -21.69 -39.19 17.96
C LYS A 99 -22.91 -39.12 17.02
N GLY A 100 -23.42 -40.26 16.55
CA GLY A 100 -24.56 -40.26 15.66
C GLY A 100 -24.45 -41.32 14.60
N ASN A 101 -25.50 -41.53 13.81
CA ASN A 101 -25.46 -42.58 12.81
C ASN A 101 -24.46 -42.24 11.73
N PHE A 102 -23.64 -43.22 11.36
CA PHE A 102 -22.75 -43.06 10.22
C PHE A 102 -23.49 -42.46 9.04
N ALA A 103 -24.52 -43.17 8.54
CA ALA A 103 -25.20 -42.77 7.32
C ALA A 103 -25.84 -41.39 7.46
N GLU A 104 -26.46 -41.13 8.62
CA GLU A 104 -27.11 -39.84 8.85
C GLU A 104 -26.13 -38.67 8.77
N CYS A 105 -24.94 -38.82 9.36
CA CYS A 105 -23.97 -37.75 9.27
C CYS A 105 -23.56 -37.49 7.81
N TYR A 106 -23.13 -38.53 7.10
CA TYR A 106 -22.55 -38.34 5.78
C TYR A 106 -23.57 -38.21 4.65
N ASP A 107 -24.86 -38.39 4.92
CA ASP A 107 -25.87 -38.14 3.91
C ASP A 107 -26.26 -36.67 3.81
N LYS A 108 -26.04 -35.87 4.87
CA LYS A 108 -26.37 -34.46 4.84
C LYS A 108 -25.40 -33.65 4.00
N ILE A 109 -24.21 -34.18 3.75
CA ILE A 109 -23.10 -33.42 3.23
C ILE A 109 -23.25 -33.20 1.73
N ARG A 110 -23.08 -31.95 1.30
CA ARG A 110 -23.14 -31.58 -0.11
C ARG A 110 -21.80 -31.03 -0.57
N ARG A 111 -21.61 -30.96 -1.88
CA ARG A 111 -20.40 -30.35 -2.37
C ARG A 111 -20.43 -28.87 -1.98
N GLY A 112 -19.26 -28.34 -1.59
CA GLY A 112 -19.14 -26.98 -1.12
C GLY A 112 -19.22 -26.79 0.39
N ASP A 113 -19.60 -27.80 1.15
CA ASP A 113 -19.71 -27.64 2.58
C ASP A 113 -18.34 -27.48 3.22
N ILE A 114 -18.26 -26.64 4.23
CA ILE A 114 -17.07 -26.57 5.05
C ILE A 114 -17.29 -27.47 6.25
N VAL A 115 -16.32 -28.34 6.54
CA VAL A 115 -16.43 -29.33 7.60
C VAL A 115 -15.15 -29.35 8.43
N GLY A 116 -15.30 -29.83 9.66
CA GLY A 116 -14.18 -30.24 10.50
C GLY A 116 -14.20 -31.75 10.69
N ILE A 117 -13.01 -32.36 10.69
CA ILE A 117 -12.84 -33.80 10.70
C ILE A 117 -11.88 -34.18 11.82
N VAL A 118 -12.25 -35.19 12.61
CA VAL A 118 -11.33 -35.84 13.55
C VAL A 118 -11.00 -37.22 13.00
N GLY A 119 -9.72 -37.50 12.80
CA GLY A 119 -9.34 -38.72 12.11
C GLY A 119 -7.84 -38.91 12.06
N PHE A 120 -7.42 -39.94 11.33
CA PHE A 120 -6.02 -40.34 11.21
C PHE A 120 -5.58 -40.36 9.75
N PRO A 121 -4.30 -40.17 9.47
CA PRO A 121 -3.83 -40.07 8.09
C PRO A 121 -3.53 -41.42 7.49
N GLY A 122 -3.55 -41.49 6.16
CA GLY A 122 -3.28 -42.75 5.50
C GLY A 122 -3.50 -42.66 4.00
N LYS A 123 -3.02 -43.66 3.30
CA LYS A 123 -3.18 -43.78 1.86
C LYS A 123 -4.15 -44.91 1.53
N SER A 124 -4.85 -44.74 0.41
CA SER A 124 -5.77 -45.73 -0.10
C SER A 124 -5.00 -46.95 -0.62
N LYS A 125 -5.72 -48.04 -0.84
CA LYS A 125 -5.13 -49.15 -1.57
C LYS A 125 -4.64 -48.71 -2.94
N LYS A 126 -5.23 -47.64 -3.50
CA LYS A 126 -4.79 -47.08 -4.76
C LYS A 126 -3.69 -46.04 -4.57
N GLY A 127 -3.29 -45.75 -3.34
CA GLY A 127 -2.20 -44.83 -3.06
C GLY A 127 -2.58 -43.37 -2.90
N GLU A 128 -3.87 -43.06 -2.78
CA GLU A 128 -4.31 -41.67 -2.63
C GLU A 128 -4.28 -41.31 -1.16
N LEU A 129 -3.44 -40.33 -0.82
CA LEU A 129 -3.29 -39.87 0.55
C LEU A 129 -4.62 -39.33 1.08
N SER A 130 -5.07 -39.87 2.20
CA SER A 130 -6.44 -39.62 2.66
C SER A 130 -6.45 -39.36 4.15
N ILE A 131 -7.52 -38.69 4.60
CA ILE A 131 -7.85 -38.59 6.02
C ILE A 131 -9.00 -39.55 6.29
N PHE A 132 -8.91 -40.32 7.36
CA PHE A 132 -9.94 -41.30 7.69
C PHE A 132 -10.76 -40.79 8.87
N PRO A 133 -11.95 -40.24 8.65
CA PRO A 133 -12.67 -39.59 9.74
C PRO A 133 -13.25 -40.60 10.71
N LYS A 134 -12.99 -40.40 11.99
CA LYS A 134 -13.82 -40.96 13.04
C LYS A 134 -14.99 -40.03 13.37
N GLU A 135 -14.89 -38.74 13.04
CA GLU A 135 -16.00 -37.83 13.28
C GLU A 135 -15.93 -36.67 12.29
N THR A 136 -17.09 -36.21 11.84
CA THR A 136 -17.19 -35.14 10.87
C THR A 136 -18.31 -34.17 11.26
N ILE A 137 -17.96 -32.88 11.39
CA ILE A 137 -18.87 -31.86 11.86
C ILE A 137 -19.15 -30.88 10.74
N LEU A 138 -20.41 -30.54 10.54
CA LEU A 138 -20.72 -29.46 9.62
C LEU A 138 -20.31 -28.13 10.27
N LEU A 139 -19.46 -27.36 9.59
CA LEU A 139 -18.98 -26.08 10.07
C LEU A 139 -19.63 -24.90 9.37
N SER A 140 -19.87 -24.98 8.07
CA SER A 140 -20.63 -23.93 7.40
C SER A 140 -21.20 -24.50 6.11
N ALA A 141 -22.52 -24.49 5.98
CA ALA A 141 -23.16 -25.05 4.81
C ALA A 141 -22.98 -24.12 3.62
N CYS A 142 -22.85 -24.73 2.43
CA CYS A 142 -22.99 -24.05 1.15
C CYS A 142 -24.45 -24.22 0.72
N LEU A 143 -25.12 -23.10 0.41
CA LEU A 143 -26.57 -23.15 0.21
C LEU A 143 -26.97 -23.10 -1.26
N HIS A 144 -26.07 -22.68 -2.14
CA HIS A 144 -26.26 -22.70 -3.57
C HIS A 144 -25.53 -23.89 -4.18
N MET A 145 -25.96 -24.26 -5.38
CA MET A 145 -25.19 -25.19 -6.20
C MET A 145 -23.93 -24.49 -6.66
N LEU A 146 -22.76 -25.00 -6.25
CA LEU A 146 -21.52 -24.50 -6.85
C LEU A 146 -21.56 -24.84 -8.34
N PRO A 147 -20.87 -24.10 -9.19
CA PRO A 147 -20.72 -24.57 -10.58
C PRO A 147 -19.44 -25.38 -10.73
N MET A 148 -19.35 -26.09 -11.86
CA MET A 148 -18.09 -26.68 -12.33
C MET A 148 -17.44 -25.75 -13.36
N LYS A 149 -16.21 -26.11 -13.75
CA LYS A 149 -15.31 -25.19 -14.45
C LYS A 149 -15.99 -24.49 -15.63
N TYR A 150 -16.75 -25.23 -16.43
CA TYR A 150 -17.26 -24.71 -17.70
C TYR A 150 -18.16 -23.50 -17.47
N GLY A 151 -18.92 -23.52 -16.37
CA GLY A 151 -19.75 -22.38 -16.04
C GLY A 151 -18.99 -21.08 -16.04
N LEU A 152 -17.69 -21.13 -15.79
CA LEU A 152 -16.89 -19.93 -15.69
C LEU A 152 -15.82 -19.99 -16.78
N LYS A 153 -16.23 -19.77 -18.03
CA LYS A 153 -15.28 -19.49 -19.10
C LYS A 153 -15.74 -18.31 -19.94
N ASP A 154 -17.04 -18.30 -20.31
CA ASP A 154 -17.60 -17.29 -21.22
C ASP A 154 -18.25 -16.15 -20.46
N THR A 155 -18.85 -16.43 -19.29
CA THR A 155 -19.58 -15.45 -18.53
C THR A 155 -18.63 -14.51 -17.81
N GLU A 156 -19.17 -13.40 -17.35
CA GLU A 156 -18.44 -12.43 -16.57
C GLU A 156 -18.72 -12.55 -15.08
N ILE A 157 -19.30 -13.68 -14.64
CA ILE A 157 -19.42 -13.83 -13.20
C ILE A 157 -18.07 -14.10 -12.56
N ARG A 158 -17.06 -14.49 -13.36
CA ARG A 158 -15.68 -14.49 -12.87
C ARG A 158 -15.37 -13.18 -12.17
N TYR A 159 -15.84 -12.06 -12.72
CA TYR A 159 -15.56 -10.73 -12.19
C TYR A 159 -16.56 -10.26 -11.16
N ARG A 160 -17.83 -10.67 -11.26
CA ARG A 160 -18.78 -10.23 -10.27
C ARG A 160 -18.82 -11.11 -9.03
N GLN A 161 -18.37 -12.36 -9.14
CA GLN A 161 -18.36 -13.33 -8.04
C GLN A 161 -17.00 -14.00 -7.97
N ARG A 162 -15.95 -13.18 -7.90
CA ARG A 162 -14.58 -13.65 -7.89
C ARG A 162 -14.32 -14.77 -6.89
N TYR A 163 -15.08 -14.83 -5.79
CA TYR A 163 -14.89 -15.94 -4.85
C TYR A 163 -15.23 -17.28 -5.52
N LEU A 164 -16.26 -17.32 -6.38
CA LEU A 164 -16.54 -18.56 -7.10
C LEU A 164 -15.39 -18.94 -8.02
N ASP A 165 -14.86 -17.96 -8.75
CA ASP A 165 -13.69 -18.18 -9.61
C ASP A 165 -12.52 -18.80 -8.84
N LEU A 166 -12.21 -18.24 -7.67
CA LEU A 166 -11.09 -18.72 -6.87
C LEU A 166 -11.29 -20.16 -6.43
N LEU A 167 -12.52 -20.54 -6.09
CA LEU A 167 -12.79 -21.92 -5.70
C LEU A 167 -12.68 -22.89 -6.88
N ILE A 168 -13.10 -22.49 -8.07
CA ILE A 168 -13.33 -23.43 -9.18
C ILE A 168 -12.13 -23.54 -10.12
N ASN A 169 -11.48 -22.43 -10.45
CA ASN A 169 -10.39 -22.38 -11.43
C ASN A 169 -9.06 -22.26 -10.71
N GLU A 170 -8.25 -23.33 -10.73
CA GLU A 170 -6.96 -23.34 -10.05
C GLU A 170 -6.06 -22.21 -10.55
N SER A 171 -6.10 -21.93 -11.85
CA SER A 171 -5.21 -20.91 -12.39
C SER A 171 -5.46 -19.55 -11.75
N SER A 172 -6.69 -19.27 -11.32
CA SER A 172 -7.00 -17.92 -10.83
C SER A 172 -6.21 -17.61 -9.58
N ARG A 173 -6.18 -18.55 -8.64
CA ARG A 173 -5.29 -18.46 -7.49
C ARG A 173 -3.85 -18.18 -7.92
N HIS A 174 -3.32 -18.97 -8.87
CA HIS A 174 -1.94 -18.79 -9.30
C HIS A 174 -1.73 -17.39 -9.86
N THR A 175 -2.69 -16.87 -10.61
CA THR A 175 -2.55 -15.49 -11.09
C THR A 175 -2.36 -14.53 -9.92
N PHE A 176 -3.18 -14.66 -8.89
CA PHE A 176 -3.21 -13.64 -7.85
C PHE A 176 -2.12 -13.83 -6.82
N VAL A 177 -1.58 -15.04 -6.67
CA VAL A 177 -0.34 -15.22 -5.91
C VAL A 177 0.81 -14.51 -6.61
N THR A 178 0.88 -14.66 -7.93
CA THR A 178 1.96 -14.05 -8.69
C THR A 178 1.94 -12.54 -8.53
N ARG A 179 0.75 -11.94 -8.64
CA ARG A 179 0.65 -10.50 -8.44
C ARG A 179 1.24 -10.09 -7.10
N THR A 180 0.92 -10.82 -6.02
CA THR A 180 1.50 -10.51 -4.71
C THR A 180 3.01 -10.75 -4.68
N LYS A 181 3.49 -11.81 -5.36
CA LYS A 181 4.93 -12.05 -5.43
C LYS A 181 5.63 -10.92 -6.19
N ILE A 182 4.98 -10.36 -7.21
CA ILE A 182 5.61 -9.30 -7.96
C ILE A 182 5.79 -8.06 -7.09
N ILE A 183 4.74 -7.71 -6.33
CA ILE A 183 4.81 -6.52 -5.50
C ILE A 183 5.79 -6.72 -4.34
N ASN A 184 5.86 -7.94 -3.79
CA ASN A 184 6.84 -8.18 -2.73
C ASN A 184 8.25 -8.00 -3.27
N PHE A 185 8.51 -8.53 -4.47
CA PHE A 185 9.83 -8.42 -5.07
C PHE A 185 10.19 -6.96 -5.34
N LEU A 186 9.23 -6.18 -5.85
CA LEU A 186 9.49 -4.77 -6.11
C LEU A 186 9.79 -4.03 -4.81
N ARG A 187 8.94 -4.21 -3.79
CA ARG A 187 9.20 -3.57 -2.50
C ARG A 187 10.56 -3.96 -1.96
N ASN A 188 10.87 -5.25 -1.96
CA ASN A 188 12.17 -5.69 -1.45
C ASN A 188 13.31 -5.14 -2.30
N PHE A 189 13.18 -5.20 -3.63
CA PHE A 189 14.19 -4.65 -4.54
C PHE A 189 14.51 -3.20 -4.24
N LEU A 190 13.47 -2.40 -3.97
CA LEU A 190 13.66 -0.98 -3.68
C LEU A 190 14.27 -0.78 -2.29
N ASN A 191 13.79 -1.54 -1.28
CA ASN A 191 14.27 -1.37 0.08
C ASN A 191 15.74 -1.76 0.22
N GLU A 192 16.14 -2.85 -0.43
CA GLU A 192 17.54 -3.24 -0.42
C GLU A 192 18.47 -2.18 -1.04
N ARG A 193 17.96 -1.29 -1.89
CA ARG A 193 18.80 -0.31 -2.57
C ARG A 193 18.78 1.06 -1.87
N GLY A 194 18.30 1.12 -0.65
CA GLY A 194 18.26 2.34 0.10
C GLY A 194 16.96 3.13 0.00
N PHE A 195 15.98 2.67 -0.79
CA PHE A 195 14.78 3.47 -0.95
C PHE A 195 13.91 3.39 0.29
N PHE A 196 13.09 4.43 0.48
CA PHE A 196 12.26 4.66 1.67
C PHE A 196 10.81 4.84 1.24
N GLU A 197 9.92 3.97 1.72
CA GLU A 197 8.53 3.96 1.30
C GLU A 197 7.67 4.89 2.14
N VAL A 198 6.81 5.65 1.48
CA VAL A 198 5.99 6.65 2.16
C VAL A 198 4.54 6.57 1.69
N GLU A 199 3.69 7.37 2.32
CA GLU A 199 2.32 7.54 1.83
C GLU A 199 2.01 9.01 1.67
N THR A 200 1.48 9.37 0.52
CA THR A 200 1.08 10.72 0.19
C THR A 200 -0.43 10.72 0.02
N PRO A 201 -1.05 11.89 -0.05
CA PRO A 201 -2.51 11.93 0.04
C PRO A 201 -3.15 11.35 -1.21
N MET A 202 -4.34 10.80 -1.02
CA MET A 202 -5.13 10.35 -2.16
C MET A 202 -6.07 11.41 -2.71
N MET A 203 -6.28 12.50 -1.97
CA MET A 203 -7.10 13.62 -2.40
C MET A 203 -6.23 14.87 -2.37
N ASN A 204 -6.49 15.82 -3.25
CA ASN A 204 -5.71 17.04 -3.31
C ASN A 204 -6.60 18.12 -3.89
N LEU A 205 -6.12 19.37 -3.84
CA LEU A 205 -6.93 20.50 -4.25
C LEU A 205 -6.80 20.84 -5.74
N ILE A 206 -5.80 20.31 -6.43
CA ILE A 206 -5.57 20.58 -7.85
C ILE A 206 -5.21 19.29 -8.56
N ALA A 207 -6.18 18.66 -9.22
CA ALA A 207 -5.93 17.56 -10.15
C ALA A 207 -7.04 17.62 -11.19
N ASN A 211 -3.69 16.31 -18.36
CA ASN A 211 -3.32 14.90 -18.46
C ASN A 211 -4.56 13.98 -18.52
N ALA A 212 -5.35 13.95 -17.45
CA ALA A 212 -6.56 13.12 -17.43
C ALA A 212 -7.63 13.80 -16.58
N ARG A 213 -8.88 13.49 -16.88
CA ARG A 213 -9.97 14.02 -16.07
C ARG A 213 -9.97 13.36 -14.70
N PRO A 214 -10.20 14.13 -13.65
CA PRO A 214 -10.11 13.59 -12.29
C PRO A 214 -11.43 13.01 -11.82
N PHE A 215 -11.33 12.18 -10.80
CA PHE A 215 -12.47 11.90 -9.95
C PHE A 215 -12.64 13.07 -8.99
N ILE A 216 -13.87 13.55 -8.88
CA ILE A 216 -14.20 14.69 -8.01
C ILE A 216 -15.16 14.24 -6.93
N THR A 217 -14.91 14.72 -5.72
CA THR A 217 -15.74 14.38 -4.58
C THR A 217 -15.74 15.54 -3.60
N HIS A 218 -16.81 15.64 -2.81
CA HIS A 218 -17.00 16.77 -1.91
C HIS A 218 -16.59 16.40 -0.49
N HIS A 219 -15.67 17.18 0.07
CA HIS A 219 -15.21 17.02 1.45
C HIS A 219 -16.06 17.90 2.35
N ASN A 220 -16.77 17.27 3.29
CA ASN A 220 -17.79 17.98 4.05
C ASN A 220 -17.23 18.88 5.14
N ASP A 221 -16.04 18.58 5.68
CA ASP A 221 -15.48 19.39 6.76
C ASP A 221 -14.92 20.71 6.22
N LEU A 222 -14.11 20.62 5.17
CA LEU A 222 -13.51 21.80 4.56
C LEU A 222 -14.47 22.53 3.64
N ASP A 223 -15.63 21.96 3.35
CA ASP A 223 -16.60 22.51 2.39
C ASP A 223 -15.94 22.86 1.06
N LEU A 224 -15.19 21.90 0.51
CA LEU A 224 -14.45 22.10 -0.72
C LEU A 224 -14.55 20.86 -1.59
N ASP A 225 -14.32 21.04 -2.87
CA ASP A 225 -14.31 19.93 -3.79
C ASP A 225 -12.87 19.47 -3.97
N LEU A 226 -12.66 18.15 -3.90
CA LEU A 226 -11.34 17.56 -3.99
C LEU A 226 -11.22 16.64 -5.19
N TYR A 227 -9.98 16.29 -5.50
CA TYR A 227 -9.65 15.49 -6.66
C TYR A 227 -8.82 14.31 -6.24
N LEU A 228 -9.22 13.12 -6.65
CA LEU A 228 -8.37 11.96 -6.45
C LEU A 228 -7.13 12.13 -7.31
N ARG A 229 -6.00 11.69 -6.78
CA ARG A 229 -4.74 11.89 -7.48
C ARG A 229 -4.71 11.09 -8.79
N ILE A 230 -4.08 11.68 -9.81
CA ILE A 230 -3.76 10.99 -11.07
C ILE A 230 -2.33 10.47 -11.10
N ALA A 231 -1.49 10.89 -10.16
CA ALA A 231 -0.14 10.38 -10.00
C ALA A 231 0.30 10.79 -8.61
N THR A 232 1.48 10.30 -8.20
CA THR A 232 2.11 10.68 -6.94
C THR A 232 3.31 11.61 -7.15
N GLU A 233 3.49 12.13 -8.35
CA GLU A 233 4.72 12.83 -8.70
C GLU A 233 5.02 14.00 -7.75
N LEU A 234 4.06 14.91 -7.58
CA LEU A 234 4.41 16.17 -6.93
C LEU A 234 4.77 16.00 -5.47
N PRO A 235 4.00 15.27 -4.64
CA PRO A 235 4.42 15.10 -3.24
C PRO A 235 5.72 14.34 -3.08
N LEU A 236 5.98 13.32 -3.88
CA LEU A 236 7.26 12.62 -3.74
C LEU A 236 8.43 13.55 -4.05
N LYS A 237 8.30 14.43 -5.06
CA LYS A 237 9.38 15.35 -5.38
C LYS A 237 9.69 16.29 -4.20
N MET A 238 8.65 16.80 -3.56
CA MET A 238 8.81 17.63 -2.36
C MET A 238 9.63 16.91 -1.29
N LEU A 239 9.45 15.60 -1.16
CA LEU A 239 10.25 14.90 -0.17
C LEU A 239 11.73 14.91 -0.56
N ILE A 240 12.02 14.99 -1.87
CA ILE A 240 13.42 15.12 -2.31
C ILE A 240 14.00 16.46 -1.83
N VAL A 241 13.23 17.54 -1.98
CA VAL A 241 13.64 18.83 -1.43
C VAL A 241 13.90 18.69 0.07
N GLY A 242 13.01 17.99 0.77
CA GLY A 242 13.11 17.79 2.20
C GLY A 242 14.28 16.94 2.64
N GLY A 243 15.00 16.29 1.73
CA GLY A 243 16.18 15.53 2.09
C GLY A 243 16.00 14.02 2.16
N ILE A 244 14.81 13.48 1.89
CA ILE A 244 14.67 12.04 1.72
C ILE A 244 15.10 11.75 0.29
N ASP A 245 16.33 11.28 0.09
CA ASP A 245 16.92 11.29 -1.25
C ASP A 245 16.55 10.07 -2.10
N LYS A 246 15.99 9.02 -1.50
CA LYS A 246 15.46 7.85 -2.21
C LYS A 246 14.12 7.52 -1.60
N VAL A 247 13.06 7.78 -2.34
CA VAL A 247 11.70 7.77 -1.81
C VAL A 247 10.75 7.16 -2.85
N TYR A 248 9.80 6.35 -2.40
CA TYR A 248 8.89 5.74 -3.36
C TYR A 248 7.53 5.49 -2.73
N GLU A 249 6.53 5.27 -3.58
CA GLU A 249 5.20 4.91 -3.11
C GLU A 249 4.54 3.90 -4.04
N ILE A 250 3.93 2.87 -3.46
CA ILE A 250 3.12 1.92 -4.22
C ILE A 250 1.67 2.10 -3.81
N GLY A 251 0.83 2.53 -4.74
CA GLY A 251 -0.58 2.72 -4.40
C GLY A 251 -1.44 3.02 -5.61
N LYS A 252 -2.74 3.14 -5.35
CA LYS A 252 -3.69 3.34 -6.42
C LYS A 252 -3.65 4.79 -6.88
N VAL A 253 -3.76 5.00 -8.21
CA VAL A 253 -4.04 6.32 -8.77
C VAL A 253 -5.26 6.19 -9.67
N PHE A 254 -5.85 7.34 -10.04
CA PHE A 254 -7.19 7.34 -10.60
C PHE A 254 -7.26 8.32 -11.75
N ARG A 255 -7.76 7.84 -12.89
CA ARG A 255 -7.97 8.65 -14.09
C ARG A 255 -9.35 8.31 -14.62
N ASN A 256 -10.23 9.31 -14.68
CA ASN A 256 -11.67 9.12 -14.90
C ASN A 256 -11.98 9.09 -16.39
N GLU A 257 -11.49 8.03 -17.05
CA GLU A 257 -11.54 7.87 -18.51
C GLU A 257 -12.10 6.51 -18.90
N GLY A 258 -12.06 6.17 -20.19
CA GLY A 258 -12.72 4.95 -20.65
C GLY A 258 -11.96 3.69 -20.28
N ILE A 259 -12.70 2.61 -20.09
CA ILE A 259 -12.11 1.29 -19.87
C ILE A 259 -11.77 0.63 -21.20
N ASP A 260 -10.61 -0.01 -21.26
CA ASP A 260 -10.31 -1.02 -22.28
C ASP A 260 -9.40 -2.07 -21.64
N ASN A 261 -8.79 -2.92 -22.46
CA ASN A 261 -8.15 -4.13 -21.96
C ASN A 261 -6.84 -3.85 -21.20
N THR A 262 -6.21 -2.70 -21.43
CA THR A 262 -5.04 -2.33 -20.64
C THR A 262 -5.23 -0.98 -19.95
N HIS A 263 -6.48 -0.55 -19.74
CA HIS A 263 -6.77 0.72 -19.08
C HIS A 263 -7.90 0.52 -18.08
N ASN A 264 -7.56 0.56 -16.80
CA ASN A 264 -8.60 0.63 -15.79
C ASN A 264 -8.52 1.98 -15.09
N PRO A 265 -9.64 2.67 -14.88
CA PRO A 265 -9.56 4.02 -14.31
C PRO A 265 -8.84 4.07 -12.97
N GLU A 266 -9.04 3.06 -12.11
CA GLU A 266 -8.29 2.91 -10.88
C GLU A 266 -7.23 1.83 -11.10
N PHE A 267 -5.96 2.17 -10.89
CA PHE A 267 -4.92 1.18 -11.13
C PHE A 267 -3.77 1.42 -10.16
N THR A 268 -2.86 0.45 -10.11
CA THR A 268 -1.82 0.42 -9.10
C THR A 268 -0.50 0.87 -9.72
N SER A 269 0.15 1.81 -9.08
CA SER A 269 1.37 2.40 -9.59
C SER A 269 2.46 2.36 -8.52
N CYS A 270 3.70 2.22 -8.97
CA CYS A 270 4.89 2.46 -8.16
C CYS A 270 5.66 3.60 -8.80
N GLU A 271 5.96 4.62 -8.04
CA GLU A 271 6.79 5.72 -8.48
C GLU A 271 7.92 5.87 -7.48
N PHE A 272 9.13 6.10 -7.98
CA PHE A 272 10.21 6.42 -7.07
C PHE A 272 10.93 7.66 -7.57
N TYR A 273 11.63 8.31 -6.64
CA TYR A 273 12.51 9.41 -7.00
C TYR A 273 13.88 9.14 -6.39
N TRP A 274 14.91 9.40 -7.18
CA TRP A 274 16.29 9.01 -6.87
C TRP A 274 17.17 10.24 -7.09
N ALA A 275 17.55 10.92 -6.02
CA ALA A 275 18.38 12.11 -6.18
C ALA A 275 19.79 11.72 -6.63
N TYR A 276 20.32 12.53 -7.56
CA TYR A 276 21.65 12.38 -8.17
C TYR A 276 21.73 11.23 -9.14
N ALA A 277 20.60 10.65 -9.52
CA ALA A 277 20.58 9.59 -10.51
C ALA A 277 20.43 10.19 -11.88
N ASP A 278 21.10 9.60 -12.86
CA ASP A 278 21.03 10.11 -14.22
C ASP A 278 20.39 9.04 -15.13
N TYR A 279 20.46 9.32 -16.43
CA TYR A 279 19.77 8.50 -17.42
C TYR A 279 20.30 7.07 -17.40
N ASN A 280 21.62 6.90 -17.32
CA ASN A 280 22.16 5.54 -17.26
C ASN A 280 21.73 4.85 -15.98
N ASP A 281 21.73 5.57 -14.84
CA ASP A 281 21.24 4.98 -13.59
C ASP A 281 19.84 4.44 -13.76
N LEU A 282 18.97 5.21 -14.41
CA LEU A 282 17.59 4.77 -14.58
C LEU A 282 17.49 3.60 -15.55
N ILE A 283 18.23 3.61 -16.65
CA ILE A 283 18.21 2.48 -17.58
C ILE A 283 18.64 1.21 -16.85
N LYS A 284 19.69 1.33 -16.04
CA LYS A 284 20.30 0.19 -15.37
C LYS A 284 19.35 -0.39 -14.34
N TRP A 285 18.71 0.47 -13.57
CA TRP A 285 17.69 0.04 -12.65
C TRP A 285 16.59 -0.74 -13.39
N SER A 286 16.14 -0.23 -14.54
CA SER A 286 15.05 -0.89 -15.25
C SER A 286 15.43 -2.29 -15.74
N GLU A 287 16.65 -2.43 -16.26
CA GLU A 287 17.07 -3.74 -16.77
C GLU A 287 17.30 -4.72 -15.63
N ASP A 288 17.88 -4.24 -14.52
CA ASP A 288 18.09 -5.08 -13.34
C ASP A 288 16.78 -5.54 -12.73
N PHE A 289 15.79 -4.64 -12.66
CA PHE A 289 14.53 -5.03 -12.04
C PHE A 289 13.80 -6.08 -12.88
N PHE A 290 13.63 -5.82 -14.18
CA PHE A 290 12.83 -6.75 -14.99
C PHE A 290 13.56 -8.07 -15.18
N SER A 291 14.84 -8.03 -15.54
CA SER A 291 15.55 -9.28 -15.75
C SER A 291 15.58 -10.13 -14.48
N GLN A 292 15.76 -9.49 -13.32
CA GLN A 292 15.82 -10.27 -12.09
C GLN A 292 14.44 -10.67 -11.60
N LEU A 293 13.43 -9.85 -11.86
CA LEU A 293 12.07 -10.22 -11.49
C LEU A 293 11.60 -11.45 -12.28
N VAL A 294 11.87 -11.48 -13.59
CA VAL A 294 11.42 -12.62 -14.40
C VAL A 294 12.12 -13.89 -13.94
N TYR A 295 13.45 -13.85 -13.83
CA TYR A 295 14.18 -15.01 -13.35
C TYR A 295 13.67 -15.49 -12.01
N HIS A 296 13.34 -14.56 -11.10
CA HIS A 296 12.90 -14.94 -9.76
C HIS A 296 11.61 -15.76 -9.81
N LEU A 297 10.69 -15.42 -10.72
CA LEU A 297 9.42 -16.11 -10.82
C LEU A 297 9.53 -17.42 -11.60
N PHE A 298 10.36 -17.44 -12.65
CA PHE A 298 10.31 -18.50 -13.63
C PHE A 298 11.57 -19.34 -13.75
N GLY A 299 12.68 -18.93 -13.15
CA GLY A 299 13.89 -19.71 -13.30
C GLY A 299 14.52 -19.63 -14.68
N THR A 300 14.11 -18.65 -15.48
CA THR A 300 14.60 -18.44 -16.83
C THR A 300 14.31 -17.00 -17.20
N TYR A 301 14.99 -16.50 -18.23
CA TYR A 301 14.71 -15.15 -18.71
C TYR A 301 13.68 -15.12 -19.82
N LYS A 302 13.21 -16.28 -20.27
CA LYS A 302 12.28 -16.37 -21.39
C LYS A 302 10.93 -16.83 -20.89
N ILE A 303 9.89 -16.15 -21.36
CA ILE A 303 8.51 -16.50 -21.06
C ILE A 303 7.74 -16.47 -22.36
N SER A 304 6.60 -17.16 -22.37
CA SER A 304 5.75 -17.20 -23.55
C SER A 304 4.50 -16.40 -23.24
N TYR A 305 4.05 -15.64 -24.23
CA TYR A 305 2.92 -14.75 -24.03
C TYR A 305 1.94 -14.88 -25.19
N ASN A 306 0.67 -15.09 -24.87
CA ASN A 306 -0.37 -15.19 -25.90
C ASN A 306 -0.88 -13.78 -26.23
N LYS A 307 -0.09 -13.07 -27.04
CA LYS A 307 -0.42 -11.68 -27.36
C LYS A 307 -1.81 -11.55 -27.95
N ASP A 308 -2.25 -12.54 -28.70
CA ASP A 308 -3.54 -12.46 -29.38
C ASP A 308 -4.49 -13.55 -28.87
N GLY A 309 -4.38 -13.91 -27.58
CA GLY A 309 -5.31 -14.82 -26.95
C GLY A 309 -4.90 -16.27 -27.05
N PRO A 310 -5.58 -17.14 -26.29
CA PRO A 310 -5.27 -18.58 -26.30
C PRO A 310 -5.55 -19.29 -27.62
N GLU A 311 -6.42 -18.73 -28.47
CA GLU A 311 -6.75 -19.34 -29.75
C GLU A 311 -5.67 -19.11 -30.80
N ASN A 312 -4.65 -18.33 -30.50
CA ASN A 312 -3.58 -18.02 -31.42
C ASN A 312 -2.23 -18.40 -30.81
N GLN A 313 -1.19 -18.39 -31.62
CA GLN A 313 0.10 -18.85 -31.18
C GLN A 313 0.73 -17.83 -30.23
N PRO A 314 1.49 -18.29 -29.24
CA PRO A 314 2.17 -17.36 -28.33
C PRO A 314 3.41 -16.82 -29.01
N ILE A 315 3.88 -15.68 -28.53
CA ILE A 315 5.23 -15.26 -28.84
C ILE A 315 6.10 -15.49 -27.62
N GLU A 316 7.41 -15.53 -27.86
CA GLU A 316 8.37 -15.71 -26.78
C GLU A 316 8.99 -14.34 -26.45
N ILE A 317 8.97 -13.96 -25.16
CA ILE A 317 9.53 -12.68 -24.72
C ILE A 317 10.79 -12.95 -23.90
N ASP A 318 11.91 -12.42 -24.38
CA ASP A 318 13.23 -12.65 -23.79
C ASP A 318 13.62 -11.44 -22.93
N PHE A 319 13.78 -11.66 -21.63
CA PHE A 319 14.08 -10.60 -20.68
C PHE A 319 15.57 -10.51 -20.35
N THR A 320 16.43 -11.16 -21.13
CA THR A 320 17.88 -11.09 -20.95
C THR A 320 18.39 -9.68 -21.22
N PRO A 321 19.00 -9.00 -20.25
CA PRO A 321 19.51 -7.65 -20.51
C PRO A 321 20.78 -7.72 -21.33
N PRO A 322 21.16 -6.64 -22.04
CA PRO A 322 20.51 -5.32 -22.13
C PRO A 322 19.42 -5.27 -23.19
N TYR A 323 18.53 -4.27 -23.14
CA TYR A 323 17.41 -4.13 -24.06
C TYR A 323 17.67 -2.99 -25.04
N PRO A 324 17.17 -3.06 -26.26
CA PRO A 324 17.46 -2.01 -27.23
C PRO A 324 16.91 -0.65 -26.79
N LYS A 325 17.60 0.39 -27.24
CA LYS A 325 17.24 1.79 -27.00
C LYS A 325 16.95 2.44 -28.34
N VAL A 326 15.72 2.90 -28.53
CA VAL A 326 15.26 3.43 -29.81
C VAL A 326 14.92 4.90 -29.64
N SER A 327 15.67 5.76 -30.30
CA SER A 327 15.44 7.20 -30.22
C SER A 327 14.25 7.59 -31.07
N ILE A 328 13.27 8.26 -30.46
CA ILE A 328 11.95 8.37 -31.07
C ILE A 328 11.97 9.20 -32.35
N VAL A 329 12.61 10.37 -32.33
CA VAL A 329 12.57 11.25 -33.50
C VAL A 329 13.33 10.62 -34.65
N GLU A 330 14.58 10.25 -34.40
CA GLU A 330 15.40 9.57 -35.40
C GLU A 330 14.66 8.39 -36.04
N GLU A 331 14.04 7.54 -35.21
CA GLU A 331 13.39 6.35 -35.73
C GLU A 331 12.17 6.68 -36.60
N ILE A 332 11.36 7.67 -36.21
CA ILE A 332 10.21 8.02 -37.03
C ILE A 332 10.68 8.46 -38.42
N GLU A 333 11.74 9.26 -38.47
CA GLU A 333 12.27 9.68 -39.77
C GLU A 333 12.72 8.47 -40.60
N LYS A 334 13.44 7.52 -40.00
CA LYS A 334 14.00 6.43 -40.80
C LYS A 334 12.89 5.60 -41.43
N VAL A 335 11.91 5.17 -40.64
CA VAL A 335 10.85 4.32 -41.19
C VAL A 335 9.95 5.10 -42.14
N THR A 336 9.86 6.42 -41.97
CA THR A 336 8.98 7.22 -42.81
C THR A 336 9.76 7.95 -43.90
N ASN A 337 11.08 7.77 -43.92
CA ASN A 337 11.95 8.42 -44.90
C ASN A 337 11.61 9.90 -44.99
N THR A 338 11.32 10.49 -43.84
CA THR A 338 11.01 11.89 -43.68
C THR A 338 12.09 12.54 -42.84
N ILE A 339 12.05 13.87 -42.78
CA ILE A 339 12.97 14.60 -41.88
C ILE A 339 12.11 15.60 -41.10
N LEU A 340 11.99 15.40 -39.79
CA LEU A 340 11.14 16.27 -38.95
C LEU A 340 12.06 17.05 -38.03
N GLU A 341 12.20 18.36 -38.23
CA GLU A 341 13.19 19.08 -37.39
C GLU A 341 12.73 20.49 -37.03
N GLN A 342 13.67 21.29 -36.50
CA GLN A 342 13.36 22.70 -36.15
C GLN A 342 12.35 22.70 -35.01
N PRO A 343 11.74 23.84 -34.63
CA PRO A 343 10.67 23.77 -33.66
C PRO A 343 9.80 22.66 -34.23
N PHE A 344 9.48 21.63 -33.44
CA PHE A 344 8.55 20.60 -33.98
C PHE A 344 7.16 21.24 -33.99
N ASP A 345 7.02 22.39 -33.35
CA ASP A 345 5.73 23.14 -33.35
C ASP A 345 5.59 23.86 -34.68
N SER A 346 6.71 24.00 -35.40
CA SER A 346 6.68 24.69 -36.71
C SER A 346 5.53 24.14 -37.54
N ASN A 347 4.63 25.01 -37.98
CA ASN A 347 3.52 24.56 -38.86
C ASN A 347 4.10 23.71 -39.98
N GLU A 348 5.21 24.13 -40.58
CA GLU A 348 5.87 23.29 -41.61
C GLU A 348 6.00 21.87 -41.08
N THR A 349 6.69 21.69 -39.95
CA THR A 349 6.93 20.33 -39.42
C THR A 349 5.57 19.68 -39.13
N ILE A 350 4.66 20.43 -38.51
CA ILE A 350 3.33 19.88 -38.25
C ILE A 350 2.74 19.29 -39.52
N GLU A 351 2.82 20.03 -40.63
CA GLU A 351 2.19 19.56 -41.87
C GLU A 351 2.83 18.28 -42.35
N LYS A 352 4.16 18.18 -42.30
CA LYS A 352 4.83 16.93 -42.64
C LYS A 352 4.27 15.79 -41.80
N MET A 353 4.13 16.04 -40.49
CA MET A 353 3.57 15.04 -39.59
C MET A 353 2.11 14.74 -39.93
N ILE A 354 1.33 15.77 -40.26
CA ILE A 354 -0.07 15.55 -40.58
C ILE A 354 -0.22 14.77 -41.88
N ASN A 355 0.58 15.12 -42.91
CA ASN A 355 0.47 14.40 -44.19
C ASN A 355 0.95 12.96 -44.06
N ILE A 356 1.90 12.67 -43.17
CA ILE A 356 2.28 11.28 -42.94
C ILE A 356 1.09 10.50 -42.41
N ILE A 357 0.31 11.12 -41.51
CA ILE A 357 -0.80 10.43 -40.86
C ILE A 357 -1.92 10.09 -41.85
N LYS A 358 -2.23 11.01 -42.76
CA LYS A 358 -3.27 10.76 -43.76
C LYS A 358 -2.80 9.82 -44.87
N GLU A 359 -1.51 9.89 -45.25
CA GLU A 359 -1.03 9.00 -46.30
C GLU A 359 -1.09 7.55 -45.86
N HIS A 360 -0.75 7.26 -44.60
CA HIS A 360 -0.84 5.91 -44.06
C HIS A 360 -2.20 5.61 -43.45
N LYS A 361 -3.18 6.50 -43.67
CA LYS A 361 -4.58 6.26 -43.29
C LYS A 361 -4.71 5.95 -41.79
N ILE A 362 -4.16 6.87 -40.99
CA ILE A 362 -4.20 6.80 -39.53
C ILE A 362 -5.17 7.88 -39.02
N GLU A 363 -5.63 7.71 -37.78
CA GLU A 363 -6.50 8.70 -37.15
C GLU A 363 -5.72 9.98 -36.85
N LEU A 364 -6.28 11.12 -37.23
CA LEU A 364 -5.70 12.40 -36.85
C LEU A 364 -6.19 12.80 -35.46
N PRO A 365 -5.31 13.08 -34.50
CA PRO A 365 -5.77 13.43 -33.15
C PRO A 365 -6.33 14.85 -33.10
N ASN A 366 -7.34 15.01 -32.24
CA ASN A 366 -7.97 16.29 -32.01
C ASN A 366 -7.59 16.78 -30.62
N PRO A 367 -6.89 17.91 -30.49
CA PRO A 367 -6.38 18.78 -31.56
C PRO A 367 -5.09 18.25 -32.18
N PRO A 368 -4.71 18.70 -33.39
CA PRO A 368 -3.45 18.24 -33.99
C PRO A 368 -2.23 18.95 -33.41
N THR A 369 -2.06 18.84 -32.09
CA THR A 369 -0.88 19.38 -31.44
C THR A 369 0.37 18.56 -31.79
N ALA A 370 1.51 19.22 -31.77
CA ALA A 370 2.76 18.55 -32.13
C ALA A 370 3.05 17.37 -31.21
N ALA A 371 2.74 17.50 -29.92
CA ALA A 371 2.93 16.38 -28.99
C ALA A 371 1.99 15.22 -29.33
N LYS A 372 0.75 15.52 -29.67
CA LYS A 372 -0.19 14.44 -29.99
C LYS A 372 0.21 13.74 -31.29
N LEU A 373 0.64 14.50 -32.29
CA LEU A 373 1.05 13.89 -33.56
C LEU A 373 2.25 12.98 -33.37
N LEU A 374 3.25 13.46 -32.63
CA LEU A 374 4.43 12.64 -32.38
C LEU A 374 4.08 11.36 -31.66
N ASP A 375 3.18 11.44 -30.69
CA ASP A 375 2.73 10.24 -30.00
C ASP A 375 2.03 9.29 -30.98
N GLN A 376 1.14 9.82 -31.81
CA GLN A 376 0.46 9.00 -32.81
C GLN A 376 1.46 8.37 -33.79
N LEU A 377 2.50 9.11 -34.18
CA LEU A 377 3.48 8.52 -35.08
C LEU A 377 4.26 7.42 -34.39
N ALA A 378 4.46 7.53 -33.08
CA ALA A 378 5.22 6.52 -32.35
C ALA A 378 4.40 5.25 -32.15
N SER A 379 3.10 5.37 -31.88
CA SER A 379 2.33 4.15 -31.67
C SER A 379 2.22 3.34 -32.95
N HIS A 380 2.24 3.99 -34.11
CA HIS A 380 2.08 3.26 -35.35
C HIS A 380 3.38 2.74 -35.94
N PHE A 381 4.50 3.46 -35.74
CA PHE A 381 5.74 3.19 -36.46
C PHE A 381 6.88 2.66 -35.59
N ILE A 382 6.87 2.91 -34.29
CA ILE A 382 7.93 2.45 -33.40
C ILE A 382 7.42 1.44 -32.39
N GLU A 383 6.24 1.68 -31.81
CA GLU A 383 5.86 0.95 -30.61
C GLU A 383 5.66 -0.54 -30.83
N ASN A 384 5.70 -1.03 -32.07
CA ASN A 384 5.68 -2.48 -32.29
C ASN A 384 6.90 -2.92 -33.08
N LYS A 385 8.03 -2.25 -32.84
CA LYS A 385 9.25 -2.58 -33.58
C LYS A 385 9.81 -3.93 -33.14
N TYR A 386 9.89 -4.18 -31.83
CA TYR A 386 10.25 -5.47 -31.26
C TYR A 386 9.04 -6.02 -30.52
N ASN A 387 8.83 -7.33 -30.60
CA ASN A 387 7.96 -8.01 -29.66
C ASN A 387 8.61 -9.21 -28.98
N ASP A 388 9.78 -9.66 -29.43
CA ASP A 388 10.49 -10.79 -28.83
C ASP A 388 11.24 -10.42 -27.57
N LYS A 389 11.40 -9.13 -27.31
CA LYS A 389 12.09 -8.64 -26.12
C LYS A 389 11.59 -7.23 -25.82
N PRO A 390 11.58 -6.83 -24.55
CA PRO A 390 11.21 -5.45 -24.23
C PRO A 390 12.25 -4.48 -24.78
N PHE A 391 11.85 -3.21 -24.89
CA PHE A 391 12.79 -2.20 -25.37
C PHE A 391 12.36 -0.83 -24.89
N PHE A 392 13.25 0.14 -25.07
CA PHE A 392 13.03 1.50 -24.61
C PHE A 392 12.82 2.40 -25.81
N ILE A 393 11.94 3.38 -25.67
CA ILE A 393 11.87 4.52 -26.56
C ILE A 393 12.39 5.73 -25.79
N VAL A 394 13.42 6.39 -26.33
CA VAL A 394 14.23 7.32 -25.55
C VAL A 394 14.33 8.67 -26.26
N GLU A 395 14.71 9.68 -25.49
CA GLU A 395 15.05 11.02 -25.97
C GLU A 395 13.88 11.71 -26.67
N HIS A 396 12.69 11.63 -26.08
CA HIS A 396 11.54 12.36 -26.57
C HIS A 396 11.82 13.87 -26.70
N PRO A 397 11.20 14.54 -27.69
CA PRO A 397 11.26 16.00 -27.77
C PRO A 397 10.73 16.67 -26.51
N GLN A 398 11.25 17.87 -26.21
CA GLN A 398 10.85 18.58 -25.01
C GLN A 398 9.35 18.89 -24.99
N ILE A 399 8.75 19.07 -26.17
CA ILE A 399 7.32 19.41 -26.21
C ILE A 399 6.46 18.27 -25.71
N MET A 400 6.91 17.02 -25.83
CA MET A 400 6.14 15.92 -25.27
C MET A 400 6.37 15.72 -23.78
N SER A 401 7.42 16.28 -23.19
CA SER A 401 7.74 16.03 -21.78
C SER A 401 8.15 17.33 -21.10
N PRO A 402 7.18 18.19 -20.79
CA PRO A 402 7.50 19.52 -20.24
C PRO A 402 8.20 19.50 -18.89
N LEU A 403 8.10 18.43 -18.11
CA LEU A 403 8.80 18.34 -16.84
C LEU A 403 10.18 17.72 -16.96
N ALA A 404 10.60 17.29 -18.15
CA ALA A 404 11.88 16.59 -18.27
C ALA A 404 13.05 17.55 -18.48
N LYS A 405 14.20 17.16 -17.93
CA LYS A 405 15.43 17.92 -18.13
C LYS A 405 15.96 17.78 -19.56
N TYR A 406 16.49 18.88 -20.10
CA TYR A 406 16.97 18.91 -21.48
C TYR A 406 18.10 17.91 -21.70
N HIS A 407 18.08 17.26 -22.86
CA HIS A 407 19.14 16.34 -23.25
C HIS A 407 20.50 17.05 -23.24
N ARG A 408 21.54 16.35 -22.83
CA ARG A 408 22.80 17.01 -22.62
C ARG A 408 23.55 17.36 -23.89
N THR A 409 23.29 16.66 -25.00
CA THR A 409 23.97 16.96 -26.25
C THR A 409 23.06 17.18 -27.44
N LYS A 410 21.81 16.73 -27.42
CA LYS A 410 20.94 16.90 -28.57
C LYS A 410 19.91 17.98 -28.30
N PRO A 411 19.91 19.08 -29.06
CA PRO A 411 18.94 20.15 -28.78
C PRO A 411 17.50 19.69 -29.02
N GLY A 412 16.59 20.25 -28.21
CA GLY A 412 15.17 20.01 -28.31
C GLY A 412 14.69 18.75 -27.64
N LEU A 413 15.59 17.85 -27.27
CA LEU A 413 15.23 16.55 -26.74
C LEU A 413 15.43 16.52 -25.22
N THR A 414 14.99 15.41 -24.61
CA THR A 414 15.13 15.19 -23.18
C THR A 414 15.81 13.85 -22.95
N GLU A 415 16.15 13.55 -21.71
CA GLU A 415 16.73 12.24 -21.45
C GLU A 415 15.67 11.24 -20.98
N ARG A 416 14.52 11.22 -21.64
CA ARG A 416 13.43 10.41 -21.13
C ARG A 416 13.52 9.01 -21.69
N LEU A 417 12.99 8.04 -20.95
CA LEU A 417 12.94 6.67 -21.44
C LEU A 417 11.58 6.06 -21.11
N GLU A 418 11.12 5.18 -22.00
CA GLU A 418 9.89 4.44 -21.83
C GLU A 418 10.15 3.00 -22.23
N MET A 419 9.75 2.06 -21.37
CA MET A 419 9.87 0.63 -21.65
C MET A 419 8.55 0.09 -22.18
N PHE A 420 8.66 -0.74 -23.21
CA PHE A 420 7.52 -1.36 -23.85
C PHE A 420 7.69 -2.86 -23.83
N ILE A 421 6.58 -3.56 -23.65
CA ILE A 421 6.50 -5.00 -23.81
C ILE A 421 5.28 -5.28 -24.66
N CYS A 422 5.48 -6.02 -25.76
CA CYS A 422 4.41 -6.31 -26.73
C CYS A 422 3.64 -5.05 -27.12
N GLY A 423 4.37 -3.96 -27.31
CA GLY A 423 3.72 -2.74 -27.76
C GLY A 423 2.92 -2.00 -26.71
N LYS A 424 3.07 -2.31 -25.42
CA LYS A 424 2.37 -1.60 -24.36
C LYS A 424 3.37 -0.99 -23.36
N GLU A 425 3.13 0.26 -22.97
CA GLU A 425 3.99 0.93 -21.99
C GLU A 425 3.82 0.31 -20.60
N VAL A 426 4.96 0.04 -19.94
CA VAL A 426 4.93 -0.46 -18.57
C VAL A 426 5.81 0.39 -17.65
N LEU A 427 6.71 1.19 -18.23
CA LEU A 427 7.65 1.92 -17.41
C LEU A 427 7.98 3.24 -18.10
N ASN A 428 8.08 4.28 -17.29
CA ASN A 428 8.22 5.66 -17.71
C ASN A 428 9.18 6.34 -16.74
N ALA A 429 10.17 7.06 -17.26
CA ALA A 429 11.19 7.64 -16.41
C ALA A 429 11.90 8.78 -17.12
N TYR A 430 12.39 9.74 -16.33
CA TYR A 430 13.26 10.79 -16.84
C TYR A 430 13.89 11.56 -15.69
N THR A 431 14.99 12.23 -16.00
CA THR A 431 15.60 13.17 -15.07
C THR A 431 14.78 14.45 -15.00
N GLU A 432 14.78 15.06 -13.82
CA GLU A 432 13.80 16.09 -13.54
C GLU A 432 14.33 17.47 -13.89
N LEU A 433 13.44 18.30 -14.43
CA LEU A 433 13.78 19.69 -14.72
C LEU A 433 13.70 20.49 -13.43
N ASN A 434 14.86 20.94 -12.92
CA ASN A 434 14.92 21.53 -11.58
C ASN A 434 15.27 23.01 -11.56
N ASP A 435 15.52 23.63 -12.70
CA ASP A 435 15.69 25.07 -12.73
C ASP A 435 14.29 25.68 -12.78
N PRO A 436 13.87 26.39 -11.72
CA PRO A 436 12.52 26.99 -11.71
C PRO A 436 12.29 28.01 -12.81
N PHE A 437 13.33 28.62 -13.34
CA PHE A 437 13.11 29.61 -14.39
C PHE A 437 12.80 28.98 -15.73
N LYS A 438 13.04 27.68 -15.91
CA LYS A 438 12.77 27.00 -17.17
C LYS A 438 11.55 26.09 -17.12
N GLN A 439 10.91 25.92 -15.94
CA GLN A 439 9.66 25.15 -15.84
C GLN A 439 8.52 26.05 -16.26
N LYS A 440 8.01 25.83 -17.48
CA LYS A 440 7.01 26.74 -18.04
C LYS A 440 5.73 26.79 -17.18
N GLU A 441 5.31 25.64 -16.65
CA GLU A 441 4.03 25.57 -15.95
C GLU A 441 4.02 26.38 -14.66
N CYS A 442 5.17 26.87 -14.19
CA CYS A 442 5.21 27.74 -13.02
C CYS A 442 5.09 29.21 -13.43
N PHE A 443 3.98 29.52 -14.09
CA PHE A 443 3.66 30.88 -14.54
C PHE A 443 3.19 31.74 -13.37
N ASP A 461 -0.22 21.98 -7.04
CA ASP A 461 0.72 22.43 -8.08
C ASP A 461 1.46 23.73 -7.66
N SER A 462 0.72 24.69 -7.08
CA SER A 462 1.36 25.92 -6.63
C SER A 462 2.42 25.63 -5.59
N ALA A 463 2.15 24.63 -4.75
CA ALA A 463 3.13 24.24 -3.74
C ALA A 463 4.42 23.74 -4.39
N PHE A 464 4.29 22.92 -5.44
CA PHE A 464 5.48 22.35 -6.07
C PHE A 464 6.41 23.44 -6.60
N CYS A 465 5.85 24.48 -7.23
CA CYS A 465 6.69 25.55 -7.75
C CYS A 465 7.42 26.27 -6.61
N THR A 466 6.73 26.53 -5.51
CA THR A 466 7.39 27.16 -4.36
C THR A 466 8.48 26.26 -3.81
N SER A 467 8.23 24.95 -3.73
CA SER A 467 9.25 24.04 -3.24
C SER A 467 10.46 24.02 -4.16
N LEU A 468 10.25 24.18 -5.46
CA LEU A 468 11.37 24.19 -6.39
C LEU A 468 12.34 25.32 -6.08
N GLU A 469 11.84 26.44 -5.54
CA GLU A 469 12.69 27.58 -5.21
C GLU A 469 13.51 27.38 -3.95
N TYR A 470 13.31 26.28 -3.22
CA TYR A 470 14.17 25.92 -2.10
C TYR A 470 15.26 24.95 -2.52
N GLY A 471 15.31 24.59 -3.80
CA GLY A 471 16.41 23.81 -4.33
C GLY A 471 16.12 22.32 -4.45
N LEU A 472 15.80 21.88 -5.66
CA LEU A 472 15.69 20.46 -5.93
C LEU A 472 17.00 19.99 -6.54
N PRO A 473 17.68 19.01 -5.96
CA PRO A 473 18.92 18.51 -6.57
C PRO A 473 18.61 17.91 -7.93
N PRO A 474 19.62 17.65 -8.75
CA PRO A 474 19.38 16.81 -9.95
C PRO A 474 18.72 15.51 -9.51
N THR A 475 17.68 15.09 -10.23
CA THR A 475 16.83 13.99 -9.76
C THR A 475 16.29 13.18 -10.93
N GLY A 476 16.20 11.86 -10.73
CA GLY A 476 15.49 10.97 -11.64
C GLY A 476 14.24 10.41 -10.98
N GLY A 477 13.13 10.47 -11.72
CA GLY A 477 11.91 9.81 -11.35
C GLY A 477 11.60 8.61 -12.24
N LEU A 478 10.81 7.67 -11.72
CA LEU A 478 10.41 6.49 -12.48
C LEU A 478 9.05 6.02 -12.01
N GLY A 479 8.23 5.58 -12.95
CA GLY A 479 6.93 5.00 -12.64
C GLY A 479 6.72 3.68 -13.34
N LEU A 480 6.12 2.73 -12.62
CA LEU A 480 5.80 1.39 -13.12
C LEU A 480 4.30 1.11 -13.06
N GLY A 481 3.79 0.49 -14.13
CA GLY A 481 2.42 0.04 -14.13
C GLY A 481 2.34 -1.41 -13.68
N ILE A 482 1.87 -1.66 -12.45
CA ILE A 482 1.99 -2.99 -11.88
C ILE A 482 0.96 -3.96 -12.44
N ASP A 483 -0.24 -3.48 -12.77
CA ASP A 483 -1.24 -4.37 -13.34
C ASP A 483 -0.77 -4.92 -14.67
N ARG A 484 -0.25 -4.04 -15.55
CA ARG A 484 0.18 -4.50 -16.86
C ARG A 484 1.36 -5.44 -16.73
N ILE A 485 2.26 -5.15 -15.79
CA ILE A 485 3.38 -6.06 -15.62
C ILE A 485 2.86 -7.42 -15.19
N THR A 486 1.82 -7.44 -14.34
CA THR A 486 1.21 -8.69 -13.92
C THR A 486 0.52 -9.41 -15.10
N MET A 487 -0.10 -8.65 -16.01
CA MET A 487 -0.72 -9.26 -17.20
C MET A 487 0.31 -10.06 -18.00
N PHE A 488 1.47 -9.47 -18.28
CA PHE A 488 2.44 -10.18 -19.10
C PHE A 488 3.01 -11.40 -18.39
N LEU A 489 3.23 -11.30 -17.08
CA LEU A 489 3.87 -12.41 -16.39
C LEU A 489 2.89 -13.50 -15.98
N THR A 490 1.59 -13.28 -16.19
CA THR A 490 0.58 -14.31 -15.99
C THR A 490 -0.21 -14.61 -17.26
N ASN A 491 0.30 -14.20 -18.43
CA ASN A 491 -0.30 -14.51 -19.72
C ASN A 491 -1.77 -14.09 -19.80
N LYS A 492 -2.05 -12.86 -19.41
CA LYS A 492 -3.39 -12.33 -19.54
C LYS A 492 -3.44 -11.19 -20.56
N ASN A 493 -4.58 -11.12 -21.26
CA ASN A 493 -4.80 -10.07 -22.24
C ASN A 493 -5.67 -8.92 -21.73
N SER A 494 -6.39 -9.12 -20.64
CA SER A 494 -7.32 -8.13 -20.13
C SER A 494 -6.92 -7.75 -18.71
N ILE A 495 -7.03 -6.45 -18.40
CA ILE A 495 -6.62 -6.01 -17.05
C ILE A 495 -7.56 -6.56 -15.98
N LYS A 496 -8.83 -6.80 -16.31
CA LYS A 496 -9.77 -7.37 -15.35
C LYS A 496 -9.34 -8.74 -14.82
N ASP A 497 -8.49 -9.48 -15.54
CA ASP A 497 -8.02 -10.76 -15.02
C ASP A 497 -6.88 -10.63 -14.02
N VAL A 498 -6.39 -9.42 -13.73
CA VAL A 498 -5.37 -9.24 -12.68
C VAL A 498 -5.84 -8.37 -11.54
N ILE A 499 -7.08 -7.87 -11.58
CA ILE A 499 -7.67 -7.10 -10.48
C ILE A 499 -8.75 -7.95 -9.81
N LEU A 500 -8.68 -8.06 -8.48
CA LEU A 500 -9.53 -9.03 -7.77
C LEU A 500 -11.01 -8.74 -7.99
N PHE A 501 -11.43 -7.50 -7.73
CA PHE A 501 -12.82 -7.08 -7.84
C PHE A 501 -12.94 -5.92 -8.79
N PRO A 502 -12.86 -6.18 -10.10
CA PRO A 502 -12.96 -5.08 -11.07
C PRO A 502 -14.34 -4.44 -11.00
N THR A 503 -14.40 -3.13 -11.25
CA THR A 503 -15.61 -2.36 -11.00
C THR A 503 -16.49 -2.42 -12.24
N MET A 504 -17.68 -3.00 -12.09
CA MET A 504 -18.61 -3.19 -13.18
C MET A 504 -19.98 -2.63 -12.83
N ARG A 505 -20.74 -2.28 -13.86
CA ARG A 505 -22.12 -1.84 -13.67
C ARG A 505 -22.96 -3.03 -13.23
N PRO A 506 -23.86 -2.84 -12.24
CA PRO A 506 -24.70 -3.90 -11.68
C PRO A 506 -25.81 -4.35 -12.61
N VAL B 3 15.04 43.19 6.97
CA VAL B 3 15.40 42.05 6.13
C VAL B 3 14.16 41.45 5.46
N ASP B 4 13.79 41.99 4.29
CA ASP B 4 12.56 41.56 3.62
C ASP B 4 12.75 40.16 3.04
N PRO B 5 11.87 39.21 3.36
CA PRO B 5 11.85 37.95 2.59
C PRO B 5 11.70 38.21 1.11
N ARG B 6 10.91 39.22 0.75
CA ARG B 6 10.71 39.57 -0.65
C ARG B 6 12.04 39.93 -1.30
N LEU B 7 12.82 40.82 -0.66
CA LEU B 7 14.06 41.28 -1.29
C LEU B 7 15.09 40.15 -1.40
N TYR B 8 15.20 39.32 -0.36
CA TYR B 8 16.18 38.24 -0.40
C TYR B 8 15.94 37.35 -1.61
N PHE B 9 14.68 37.08 -1.93
CA PHE B 9 14.37 36.24 -3.09
C PHE B 9 14.82 36.91 -4.39
N GLU B 10 14.58 38.22 -4.52
CA GLU B 10 14.94 38.92 -5.74
C GLU B 10 16.45 38.99 -5.91
N ASN B 11 17.17 39.17 -4.80
CA ASN B 11 18.62 39.21 -4.91
C ASN B 11 19.17 37.85 -5.34
N ARG B 12 18.67 36.76 -4.76
CA ARG B 12 19.15 35.45 -5.20
C ARG B 12 18.72 35.13 -6.63
N SER B 13 17.53 35.59 -7.04
CA SER B 13 17.09 35.37 -8.41
C SER B 13 17.99 36.13 -9.39
N LYS B 14 18.26 37.41 -9.10
CA LYS B 14 19.21 38.17 -9.90
C LYS B 14 20.57 37.47 -9.95
N PHE B 15 21.01 36.91 -8.83
CA PHE B 15 22.31 36.23 -8.81
C PHE B 15 22.32 35.05 -9.77
N ILE B 16 21.19 34.32 -9.85
CA ILE B 16 21.11 33.16 -10.74
C ILE B 16 21.27 33.59 -12.20
N GLN B 17 20.52 34.60 -12.62
CA GLN B 17 20.68 35.14 -13.97
C GLN B 17 22.09 35.67 -14.20
N ASP B 18 22.67 36.29 -13.17
CA ASP B 18 24.03 36.81 -13.28
C ASP B 18 25.03 35.69 -13.55
N GLN B 19 24.86 34.53 -12.90
CA GLN B 19 25.75 33.41 -13.19
C GLN B 19 25.55 32.88 -14.60
N LYS B 20 24.29 32.86 -15.07
CA LYS B 20 23.99 32.37 -16.41
C LYS B 20 24.63 33.26 -17.46
N ASP B 21 24.57 34.57 -17.26
CA ASP B 21 25.24 35.48 -18.17
C ASP B 21 26.75 35.26 -18.17
N LYS B 22 27.31 34.84 -17.05
CA LYS B 22 28.74 34.58 -16.93
C LYS B 22 29.17 33.25 -17.56
N GLY B 23 28.27 32.53 -18.23
CA GLY B 23 28.61 31.24 -18.79
C GLY B 23 28.68 30.10 -17.80
N ILE B 24 28.34 30.33 -16.53
CA ILE B 24 28.29 29.27 -15.54
C ILE B 24 26.84 28.80 -15.40
N ASN B 25 26.65 27.48 -15.44
CA ASN B 25 25.33 26.90 -15.28
C ASN B 25 25.10 26.63 -13.80
N PRO B 26 24.25 27.41 -13.12
CA PRO B 26 23.98 27.15 -11.70
C PRO B 26 23.10 25.93 -11.48
N TYR B 27 22.62 25.26 -12.53
CA TYR B 27 21.92 24.00 -12.41
C TYR B 27 22.52 22.97 -13.36
N PRO B 28 23.76 22.54 -13.11
CA PRO B 28 24.40 21.58 -14.05
C PRO B 28 23.60 20.30 -14.09
N HIS B 29 23.83 19.50 -15.16
CA HIS B 29 22.98 18.35 -15.41
C HIS B 29 23.17 17.27 -14.35
N LYS B 30 24.42 16.90 -14.07
CA LYS B 30 24.69 15.74 -13.24
C LYS B 30 25.95 15.96 -12.42
N PHE B 31 26.02 15.26 -11.28
CA PHE B 31 27.22 15.16 -10.47
C PHE B 31 27.45 13.69 -10.17
N GLU B 32 28.63 13.17 -10.53
CA GLU B 32 28.92 11.77 -10.23
C GLU B 32 29.35 11.62 -8.77
N ARG B 33 28.37 11.50 -7.88
CA ARG B 33 28.70 11.25 -6.49
C ARG B 33 29.30 9.84 -6.35
N THR B 34 30.39 9.73 -5.59
CA THR B 34 30.99 8.43 -5.29
C THR B 34 30.60 7.88 -3.93
N ILE B 35 30.05 8.71 -3.03
CA ILE B 35 29.85 8.29 -1.65
C ILE B 35 28.85 9.23 -1.00
N SER B 36 27.99 8.66 -0.18
CA SER B 36 26.99 9.45 0.49
C SER B 36 27.54 9.91 1.84
N ILE B 37 26.90 10.92 2.41
CA ILE B 37 27.34 11.44 3.72
C ILE B 37 27.31 10.36 4.79
N PRO B 38 26.29 9.49 4.90
CA PRO B 38 26.38 8.42 5.91
C PRO B 38 27.48 7.41 5.65
N GLU B 39 27.76 7.09 4.40
CA GLU B 39 28.89 6.19 4.14
C GLU B 39 30.21 6.86 4.47
N PHE B 40 30.28 8.19 4.26
CA PHE B 40 31.48 8.94 4.62
C PHE B 40 31.73 8.88 6.12
N ILE B 41 30.70 9.19 6.93
CA ILE B 41 30.79 9.13 8.39
C ILE B 41 31.24 7.74 8.85
N GLU B 42 30.59 6.71 8.31
CA GLU B 42 30.95 5.34 8.67
C GLU B 42 32.37 5.01 8.28
N LYS B 43 32.83 5.50 7.11
CA LYS B 43 34.13 5.11 6.62
C LYS B 43 35.26 5.70 7.47
N TYR B 44 35.11 6.96 7.90
CA TYR B 44 36.22 7.73 8.45
C TYR B 44 36.00 8.23 9.87
N LYS B 45 34.97 7.76 10.58
CA LYS B 45 34.74 8.31 11.91
C LYS B 45 35.86 7.97 12.88
N ASP B 46 36.65 6.94 12.58
CA ASP B 46 37.64 6.43 13.53
C ASP B 46 39.04 7.03 13.35
N LEU B 47 39.27 7.90 12.37
CA LEU B 47 40.63 8.41 12.21
C LEU B 47 40.97 9.41 13.33
N GLY B 48 42.27 9.73 13.42
CA GLY B 48 42.77 10.51 14.54
C GLY B 48 42.68 12.01 14.33
N ASN B 49 42.78 12.75 15.42
CA ASN B 49 42.68 14.19 15.34
C ASN B 49 43.68 14.73 14.31
N GLY B 50 43.28 15.80 13.62
CA GLY B 50 44.14 16.44 12.65
C GLY B 50 44.56 15.57 11.48
N GLU B 51 44.18 14.29 11.46
CA GLU B 51 44.65 13.35 10.45
C GLU B 51 43.95 13.56 9.11
N HIS B 52 44.74 13.60 8.03
CA HIS B 52 44.22 13.78 6.67
C HIS B 52 44.49 12.55 5.83
N LEU B 53 43.61 12.32 4.85
CA LEU B 53 43.83 11.29 3.83
C LEU B 53 43.67 12.02 2.49
N GLU B 54 44.73 12.70 2.05
CA GLU B 54 44.67 13.66 0.97
C GLU B 54 44.86 13.05 -0.41
N ASP B 55 45.28 11.79 -0.47
CA ASP B 55 45.37 11.09 -1.74
C ASP B 55 44.04 10.51 -2.18
N THR B 56 43.09 10.34 -1.27
CA THR B 56 41.78 9.82 -1.62
C THR B 56 40.90 11.01 -2.01
N ILE B 57 40.67 11.20 -3.29
CA ILE B 57 39.71 12.19 -3.72
C ILE B 57 38.34 11.54 -3.79
N LEU B 58 37.34 12.27 -3.32
CA LEU B 58 35.99 11.74 -3.16
C LEU B 58 35.02 12.75 -3.77
N ASN B 59 33.90 12.23 -4.27
CA ASN B 59 32.81 13.07 -4.80
C ASN B 59 31.63 12.96 -3.86
N ILE B 60 31.16 14.09 -3.33
CA ILE B 60 30.14 14.10 -2.29
C ILE B 60 29.20 15.26 -2.54
N THR B 61 27.95 15.07 -2.15
CA THR B 61 26.89 16.06 -2.30
C THR B 61 26.17 16.24 -0.96
N GLY B 62 25.44 17.34 -0.83
CA GLY B 62 24.71 17.63 0.38
C GLY B 62 24.19 19.06 0.35
N ARG B 63 23.40 19.38 1.38
CA ARG B 63 22.83 20.72 1.53
C ARG B 63 23.62 21.53 2.56
N ILE B 64 24.02 22.75 2.20
CA ILE B 64 24.74 23.61 3.12
C ILE B 64 23.75 24.17 4.13
N MET B 65 23.93 23.82 5.41
CA MET B 65 23.01 24.25 6.45
C MET B 65 23.59 25.26 7.41
N ARG B 66 24.92 25.44 7.43
CA ARG B 66 25.57 26.47 8.24
C ARG B 66 26.72 27.10 7.47
N VAL B 67 26.83 28.43 7.55
CA VAL B 67 27.91 29.18 6.93
C VAL B 67 28.57 30.06 7.99
N SER B 68 29.89 29.97 8.10
CA SER B 68 30.66 30.74 9.06
C SER B 68 31.57 31.75 8.37
N ALA B 69 31.91 32.81 9.10
CA ALA B 69 32.85 33.84 8.62
C ALA B 69 34.18 33.77 9.36
N GLN B 72 39.65 34.85 7.01
CA GLN B 72 39.13 35.25 5.71
C GLN B 72 39.51 34.26 4.59
N LYS B 73 40.50 33.40 4.83
CA LYS B 73 40.92 32.40 3.84
C LYS B 73 40.81 30.97 4.38
N LEU B 74 40.02 30.76 5.44
CA LEU B 74 39.66 29.42 5.93
C LEU B 74 38.15 29.38 6.16
N ARG B 75 37.43 28.84 5.18
CA ARG B 75 35.98 28.83 5.20
C ARG B 75 35.43 27.55 5.84
N PHE B 76 34.35 27.69 6.58
CA PHE B 76 33.73 26.60 7.29
C PHE B 76 32.26 26.51 6.89
N PHE B 77 31.79 25.26 6.74
CA PHE B 77 30.39 24.99 6.38
C PHE B 77 29.92 23.70 7.02
N ASP B 78 28.60 23.58 7.15
CA ASP B 78 27.96 22.32 7.55
C ASP B 78 27.17 21.76 6.37
N LEU B 79 27.48 20.52 6.01
CA LEU B 79 26.86 19.83 4.87
C LEU B 79 26.05 18.65 5.38
N VAL B 80 24.74 18.62 5.10
CA VAL B 80 23.93 17.51 5.56
C VAL B 80 23.36 16.75 4.36
N GLY B 81 23.20 15.46 4.56
CA GLY B 81 22.55 14.59 3.60
C GLY B 81 22.04 13.39 4.36
N ASP B 82 20.84 12.91 4.04
CA ASP B 82 20.25 11.75 4.70
C ASP B 82 20.21 11.91 6.23
N GLY B 83 19.87 13.12 6.68
CA GLY B 83 19.72 13.37 8.10
C GLY B 83 21.01 13.28 8.89
N GLU B 84 22.16 13.37 8.23
CA GLU B 84 23.48 13.31 8.86
C GLU B 84 24.31 14.48 8.37
N LYS B 85 25.45 14.74 9.04
CA LYS B 85 26.16 16.00 8.83
C LYS B 85 27.67 15.83 8.93
N ILE B 86 28.41 16.48 8.03
CA ILE B 86 29.86 16.66 8.19
C ILE B 86 30.18 18.14 8.04
N GLN B 87 31.45 18.45 8.30
CA GLN B 87 32.00 19.78 8.11
C GLN B 87 32.71 19.86 6.77
N VAL B 88 32.56 21.01 6.12
CA VAL B 88 33.33 21.32 4.93
C VAL B 88 34.41 22.31 5.33
N LEU B 89 35.67 21.92 5.14
CA LEU B 89 36.80 22.75 5.51
C LEU B 89 37.50 23.25 4.25
N ALA B 90 37.24 24.50 3.87
CA ALA B 90 37.78 25.07 2.65
C ALA B 90 39.05 25.87 2.93
N ASN B 91 40.19 25.39 2.40
CA ASN B 91 41.48 26.01 2.64
C ASN B 91 42.04 26.50 1.30
N TYR B 92 42.65 27.69 1.30
CA TYR B 92 43.19 28.25 0.06
C TYR B 92 44.15 27.29 -0.62
N SER B 93 44.98 26.60 0.16
CA SER B 93 46.11 25.88 -0.41
C SER B 93 45.74 24.57 -1.10
N PHE B 94 44.55 24.02 -0.89
CA PHE B 94 44.09 22.83 -1.61
C PHE B 94 43.02 23.12 -2.66
N HIS B 95 42.67 24.39 -2.88
CA HIS B 95 41.65 24.76 -3.85
C HIS B 95 42.25 24.81 -5.24
N ASN B 96 41.63 24.12 -6.18
CA ASN B 96 42.11 24.19 -7.56
C ASN B 96 41.89 25.59 -8.12
N HIS B 97 42.97 26.38 -8.20
CA HIS B 97 42.84 27.70 -8.82
C HIS B 97 42.74 27.61 -10.32
N GLU B 98 42.99 26.42 -10.89
CA GLU B 98 42.68 26.18 -12.28
C GLU B 98 41.20 26.43 -12.57
N LYS B 99 40.32 25.92 -11.70
CA LYS B 99 38.88 26.05 -11.92
C LYS B 99 38.35 27.40 -11.49
N GLY B 100 39.13 28.25 -10.87
CA GLY B 100 38.64 29.54 -10.46
C GLY B 100 39.26 29.94 -9.14
N ASN B 101 39.00 31.20 -8.77
CA ASN B 101 39.59 31.78 -7.57
C ASN B 101 38.80 31.40 -6.33
N PHE B 102 39.52 31.32 -5.21
CA PHE B 102 38.99 30.85 -3.94
C PHE B 102 37.88 31.76 -3.40
N ALA B 103 38.12 33.08 -3.39
CA ALA B 103 37.25 33.95 -2.61
C ALA B 103 35.83 34.02 -3.18
N GLU B 104 35.69 34.27 -4.49
CA GLU B 104 34.35 34.41 -5.05
C GLU B 104 33.64 33.07 -5.22
N CYS B 105 34.38 31.97 -5.42
CA CYS B 105 33.72 30.67 -5.38
C CYS B 105 32.98 30.54 -4.06
N TYR B 106 33.68 30.71 -2.94
CA TYR B 106 33.07 30.46 -1.64
C TYR B 106 32.28 31.64 -1.09
N ASP B 107 32.44 32.83 -1.65
CA ASP B 107 31.59 33.94 -1.20
C ASP B 107 30.16 33.80 -1.72
N LYS B 108 29.98 33.15 -2.86
CA LYS B 108 28.65 33.05 -3.46
C LYS B 108 27.75 32.06 -2.70
N ILE B 109 28.31 31.22 -1.85
CA ILE B 109 27.54 30.13 -1.24
C ILE B 109 26.65 30.68 -0.12
N ARG B 110 25.39 30.25 -0.11
CA ARG B 110 24.41 30.63 0.91
C ARG B 110 23.89 29.39 1.64
N ARG B 111 23.36 29.63 2.85
CA ARG B 111 22.66 28.58 3.57
C ARG B 111 21.50 28.08 2.71
N GLY B 112 21.41 26.74 2.57
CA GLY B 112 20.40 26.12 1.75
C GLY B 112 20.87 25.59 0.41
N ASP B 113 22.00 26.09 -0.11
CA ASP B 113 22.47 25.67 -1.43
C ASP B 113 22.81 24.18 -1.43
N ILE B 114 22.54 23.50 -2.55
CA ILE B 114 22.99 22.13 -2.74
C ILE B 114 24.28 22.18 -3.53
N VAL B 115 25.29 21.43 -3.09
CA VAL B 115 26.60 21.51 -3.72
C VAL B 115 27.14 20.13 -3.97
N GLY B 116 28.03 20.04 -4.95
CA GLY B 116 28.87 18.88 -5.15
C GLY B 116 30.31 19.30 -4.89
N ILE B 117 31.06 18.41 -4.25
CA ILE B 117 32.41 18.71 -3.80
C ILE B 117 33.34 17.59 -4.25
N VAL B 118 34.48 17.94 -4.83
CA VAL B 118 35.60 17.01 -4.95
C VAL B 118 36.63 17.41 -3.91
N GLY B 119 37.05 16.46 -3.10
CA GLY B 119 37.93 16.76 -1.99
C GLY B 119 38.40 15.49 -1.32
N PHE B 120 39.12 15.66 -0.20
CA PHE B 120 39.59 14.48 0.51
C PHE B 120 39.09 14.45 1.96
N PRO B 121 38.97 13.27 2.56
CA PRO B 121 38.47 13.19 3.94
C PRO B 121 39.57 13.47 4.95
N GLY B 122 39.16 14.02 6.10
CA GLY B 122 40.08 14.26 7.20
C GLY B 122 39.35 14.85 8.38
N LYS B 123 40.06 14.92 9.51
CA LYS B 123 39.53 15.52 10.72
C LYS B 123 40.33 16.77 11.07
N SER B 124 39.61 17.82 11.45
CA SER B 124 40.20 19.08 11.87
C SER B 124 41.02 18.89 13.16
N LYS B 125 41.66 19.99 13.60
CA LYS B 125 42.39 19.97 14.87
C LYS B 125 41.44 19.75 16.03
N LYS B 126 40.37 20.53 16.11
CA LYS B 126 39.36 20.38 17.16
C LYS B 126 38.59 19.06 17.04
N GLY B 127 38.84 18.26 16.00
CA GLY B 127 38.27 16.93 15.90
C GLY B 127 37.07 16.75 15.00
N GLU B 128 36.65 17.76 14.25
CA GLU B 128 35.40 17.63 13.51
C GLU B 128 35.67 16.90 12.20
N LEU B 129 34.94 15.80 11.99
CA LEU B 129 35.04 15.09 10.72
C LEU B 129 34.67 16.04 9.59
N SER B 130 35.50 16.05 8.55
CA SER B 130 35.41 17.08 7.52
C SER B 130 35.73 16.52 6.14
N ILE B 131 35.13 17.14 5.13
CA ILE B 131 35.60 17.00 3.75
C ILE B 131 36.39 18.27 3.44
N PHE B 132 37.59 18.10 2.85
CA PHE B 132 38.44 19.21 2.45
C PHE B 132 38.33 19.41 0.95
N PRO B 133 37.57 20.39 0.46
CA PRO B 133 37.36 20.52 -0.99
C PRO B 133 38.58 20.96 -1.79
N LYS B 134 38.76 20.35 -2.96
CA LYS B 134 39.56 20.92 -4.02
C LYS B 134 38.72 21.62 -5.09
N GLU B 135 37.41 21.37 -5.10
CA GLU B 135 36.50 22.00 -6.05
C GLU B 135 35.09 21.89 -5.51
N THR B 136 34.35 23.00 -5.51
CA THR B 136 32.97 23.02 -5.04
C THR B 136 32.04 23.60 -6.11
N ILE B 137 31.04 22.82 -6.51
CA ILE B 137 30.12 23.19 -7.58
C ILE B 137 28.74 23.38 -6.96
N LEU B 138 28.06 24.46 -7.33
CA LEU B 138 26.66 24.62 -6.97
C LEU B 138 25.80 23.70 -7.84
N LEU B 139 24.90 22.95 -7.23
CA LEU B 139 23.99 22.13 -8.04
C LEU B 139 22.58 22.68 -8.07
N SER B 140 22.15 23.39 -7.03
CA SER B 140 20.80 23.92 -6.97
C SER B 140 20.67 24.94 -5.82
N ALA B 141 20.44 26.20 -6.17
CA ALA B 141 20.45 27.26 -5.17
C ALA B 141 19.15 27.27 -4.38
N CYS B 142 19.27 27.59 -3.09
CA CYS B 142 18.12 27.85 -2.23
C CYS B 142 17.80 29.34 -2.26
N LEU B 143 16.64 29.70 -2.81
CA LEU B 143 16.34 31.09 -3.10
C LEU B 143 15.67 31.85 -1.95
N HIS B 144 14.97 31.17 -1.05
CA HIS B 144 14.33 31.81 0.08
C HIS B 144 15.19 31.63 1.33
N MET B 145 14.96 32.51 2.32
CA MET B 145 15.54 32.31 3.64
C MET B 145 14.95 31.05 4.29
N LEU B 146 15.80 30.29 4.97
CA LEU B 146 15.38 29.05 5.62
C LEU B 146 15.03 29.32 7.10
N PRO B 147 13.87 28.91 7.58
CA PRO B 147 13.44 29.31 8.92
C PRO B 147 14.30 28.68 10.01
N MET B 148 14.22 29.28 11.19
CA MET B 148 14.73 28.66 12.40
C MET B 148 13.70 27.70 12.98
N LYS B 149 14.19 26.79 13.83
CA LYS B 149 13.30 25.86 14.51
C LYS B 149 12.13 26.59 15.16
N TYR B 150 12.41 27.70 15.85
CA TYR B 150 11.34 28.38 16.57
C TYR B 150 10.27 28.91 15.62
N GLY B 151 10.62 29.25 14.39
CA GLY B 151 9.63 29.62 13.39
C GLY B 151 8.75 28.46 12.95
N LEU B 152 9.22 27.23 13.14
CA LEU B 152 8.46 26.03 12.81
C LEU B 152 7.83 25.41 14.04
N LYS B 153 7.49 26.19 15.05
CA LYS B 153 7.02 25.62 16.30
C LYS B 153 5.53 25.85 16.51
N ASP B 154 5.10 27.10 16.62
CA ASP B 154 3.68 27.35 16.82
C ASP B 154 2.91 27.37 15.51
N THR B 155 3.60 27.19 14.38
CA THR B 155 3.04 27.43 13.07
C THR B 155 2.45 26.16 12.48
N GLU B 156 1.74 26.33 11.39
CA GLU B 156 1.40 25.22 10.52
C GLU B 156 2.24 25.24 9.25
N ILE B 157 3.37 25.96 9.29
CA ILE B 157 4.37 25.82 8.23
C ILE B 157 4.90 24.39 8.20
N ARG B 158 4.83 23.68 9.34
CA ARG B 158 5.23 22.28 9.41
C ARG B 158 4.40 21.40 8.49
N TYR B 159 3.14 21.77 8.25
CA TYR B 159 2.20 20.95 7.49
C TYR B 159 2.07 21.41 6.05
N ARG B 160 2.04 22.72 5.83
CA ARG B 160 1.95 23.21 4.45
C ARG B 160 3.26 23.05 3.70
N GLN B 161 4.40 23.09 4.40
CA GLN B 161 5.71 22.85 3.77
C GLN B 161 6.45 21.83 4.61
N ARG B 162 6.11 20.55 4.41
CA ARG B 162 6.72 19.51 5.22
C ARG B 162 8.20 19.38 4.94
N TYR B 163 8.64 19.75 3.74
CA TYR B 163 10.06 19.67 3.39
C TYR B 163 10.93 20.60 4.25
N LEU B 164 10.44 21.79 4.63
CA LEU B 164 11.21 22.61 5.56
C LEU B 164 11.34 21.90 6.91
N ASP B 165 10.21 21.38 7.41
CA ASP B 165 10.19 20.58 8.63
C ASP B 165 11.23 19.45 8.58
N LEU B 166 11.27 18.72 7.46
CA LEU B 166 12.22 17.62 7.33
C LEU B 166 13.67 18.11 7.25
N LEU B 167 13.90 19.35 6.77
CA LEU B 167 15.26 19.87 6.71
C LEU B 167 15.72 20.43 8.04
N ILE B 168 14.84 21.14 8.76
CA ILE B 168 15.22 21.85 9.97
C ILE B 168 15.12 20.96 11.21
N ASN B 169 14.08 20.13 11.32
CA ASN B 169 13.78 19.39 12.53
C ASN B 169 14.35 17.99 12.43
N GLU B 170 15.37 17.70 13.23
CA GLU B 170 15.88 16.34 13.36
C GLU B 170 14.79 15.37 13.77
N SER B 171 13.85 15.82 14.61
CA SER B 171 12.86 14.90 15.15
C SER B 171 11.89 14.40 14.08
N SER B 172 11.52 15.26 13.13
CA SER B 172 10.48 14.89 12.17
C SER B 172 10.92 13.74 11.29
N ARG B 173 12.16 13.77 10.80
CA ARG B 173 12.70 12.60 10.12
C ARG B 173 12.53 11.33 10.94
N HIS B 174 12.75 11.43 12.26
CA HIS B 174 12.66 10.25 13.12
C HIS B 174 11.24 9.74 13.21
N THR B 175 10.28 10.64 13.36
CA THR B 175 8.87 10.30 13.33
C THR B 175 8.51 9.48 12.09
N PHE B 176 8.95 9.94 10.91
CA PHE B 176 8.48 9.30 9.68
C PHE B 176 9.24 8.03 9.34
N VAL B 177 10.52 7.97 9.71
CA VAL B 177 11.23 6.69 9.67
C VAL B 177 10.53 5.68 10.58
N THR B 178 10.10 6.12 11.76
CA THR B 178 9.45 5.19 12.68
C THR B 178 8.18 4.62 12.06
N ARG B 179 7.35 5.48 11.47
CA ARG B 179 6.14 5.05 10.80
C ARG B 179 6.41 3.92 9.81
N THR B 180 7.40 4.13 8.94
CA THR B 180 7.72 3.11 7.95
C THR B 180 8.22 1.84 8.62
N LYS B 181 9.04 1.97 9.66
CA LYS B 181 9.46 0.81 10.42
C LYS B 181 8.26 0.06 10.99
N ILE B 182 7.23 0.79 11.42
CA ILE B 182 6.06 0.14 11.99
C ILE B 182 5.34 -0.68 10.93
N ILE B 183 5.07 -0.06 9.77
CA ILE B 183 4.38 -0.78 8.71
C ILE B 183 5.23 -1.92 8.20
N ASN B 184 6.53 -1.69 7.99
CA ASN B 184 7.38 -2.81 7.61
C ASN B 184 7.25 -3.96 8.60
N PHE B 185 7.24 -3.64 9.91
CA PHE B 185 7.18 -4.66 10.95
C PHE B 185 5.88 -5.44 10.87
N LEU B 186 4.76 -4.72 10.74
CA LEU B 186 3.46 -5.36 10.60
C LEU B 186 3.38 -6.25 9.38
N ARG B 187 3.86 -5.76 8.23
CA ARG B 187 3.75 -6.58 7.01
C ARG B 187 4.53 -7.88 7.18
N ASN B 188 5.74 -7.79 7.74
CA ASN B 188 6.54 -9.00 7.95
C ASN B 188 5.99 -9.87 9.08
N PHE B 189 5.34 -9.26 10.08
CA PHE B 189 4.72 -10.05 11.13
C PHE B 189 3.63 -10.94 10.55
N LEU B 190 2.84 -10.39 9.63
CA LEU B 190 1.75 -11.14 9.00
C LEU B 190 2.28 -12.14 7.97
N ASN B 191 3.26 -11.74 7.16
CA ASN B 191 3.80 -12.64 6.14
C ASN B 191 4.46 -13.85 6.77
N GLU B 192 5.20 -13.65 7.88
CA GLU B 192 5.81 -14.77 8.60
C GLU B 192 4.76 -15.78 9.01
N ARG B 193 3.53 -15.33 9.25
CA ARG B 193 2.48 -16.19 9.78
C ARG B 193 1.56 -16.73 8.69
N GLY B 194 1.98 -16.66 7.42
CA GLY B 194 1.20 -17.23 6.32
C GLY B 194 0.15 -16.32 5.72
N PHE B 195 0.11 -15.05 6.09
CA PHE B 195 -0.91 -14.17 5.55
C PHE B 195 -0.55 -13.70 4.14
N PHE B 196 -1.58 -13.36 3.39
CA PHE B 196 -1.45 -13.12 1.97
C PHE B 196 -1.99 -11.73 1.67
N GLU B 197 -1.11 -10.81 1.32
CA GLU B 197 -1.49 -9.42 1.08
C GLU B 197 -2.19 -9.27 -0.27
N VAL B 198 -3.30 -8.54 -0.29
CA VAL B 198 -4.08 -8.30 -1.50
C VAL B 198 -4.47 -6.84 -1.60
N GLU B 199 -5.09 -6.50 -2.72
CA GLU B 199 -5.59 -5.17 -3.02
C GLU B 199 -7.05 -5.30 -3.41
N THR B 200 -7.86 -4.41 -2.89
CA THR B 200 -9.31 -4.28 -2.89
C THR B 200 -9.73 -2.90 -3.40
N PRO B 201 -10.90 -2.79 -4.02
CA PRO B 201 -11.24 -1.55 -4.72
C PRO B 201 -11.38 -0.40 -3.74
N MET B 202 -10.90 0.76 -4.16
CA MET B 202 -11.09 1.96 -3.35
C MET B 202 -12.47 2.57 -3.54
N MET B 203 -13.13 2.26 -4.65
CA MET B 203 -14.49 2.70 -4.94
C MET B 203 -15.37 1.48 -5.06
N ASN B 204 -16.55 1.54 -4.47
CA ASN B 204 -17.49 0.44 -4.53
C ASN B 204 -18.87 1.06 -4.70
N LEU B 205 -19.87 0.20 -4.90
CA LEU B 205 -21.21 0.66 -5.19
C LEU B 205 -22.04 0.88 -3.94
N ILE B 206 -21.77 0.15 -2.86
CA ILE B 206 -22.55 0.27 -1.64
C ILE B 206 -21.60 0.61 -0.50
N ALA B 207 -21.61 1.86 -0.07
CA ALA B 207 -21.00 2.23 1.19
C ALA B 207 -21.83 3.37 1.77
N ALA B 212 -20.31 5.83 8.97
CA ALA B 212 -19.62 7.06 8.63
C ALA B 212 -20.16 7.59 7.32
N ARG B 213 -20.13 8.93 7.13
CA ARG B 213 -20.60 9.41 5.84
C ARG B 213 -19.53 9.22 4.77
N PRO B 214 -19.91 8.84 3.57
CA PRO B 214 -18.91 8.50 2.55
C PRO B 214 -18.54 9.69 1.67
N PHE B 215 -17.42 9.53 1.00
CA PHE B 215 -17.12 10.36 -0.15
C PHE B 215 -17.79 9.77 -1.37
N ILE B 216 -18.40 10.65 -2.16
CA ILE B 216 -19.15 10.28 -3.36
C ILE B 216 -18.46 10.90 -4.55
N THR B 217 -18.15 10.10 -5.54
CA THR B 217 -17.53 10.59 -6.75
C THR B 217 -18.24 9.97 -7.93
N HIS B 218 -18.20 10.69 -9.06
CA HIS B 218 -18.88 10.28 -10.28
C HIS B 218 -17.90 9.60 -11.23
N HIS B 219 -18.25 8.40 -11.68
CA HIS B 219 -17.43 7.63 -12.62
C HIS B 219 -17.90 7.91 -14.05
N ASN B 220 -17.00 8.40 -14.89
CA ASN B 220 -17.42 8.91 -16.20
C ASN B 220 -17.82 7.79 -17.13
N ASP B 221 -17.01 6.73 -17.22
CA ASP B 221 -17.27 5.72 -18.25
C ASP B 221 -18.50 4.87 -17.91
N LEU B 222 -18.69 4.53 -16.63
CA LEU B 222 -19.91 3.82 -16.24
C LEU B 222 -21.09 4.76 -15.98
N ASP B 223 -20.84 6.07 -15.90
CA ASP B 223 -21.86 7.08 -15.56
C ASP B 223 -22.70 6.66 -14.35
N LEU B 224 -22.03 6.21 -13.30
CA LEU B 224 -22.65 5.86 -12.03
C LEU B 224 -21.93 6.62 -10.92
N ASP B 225 -22.60 6.76 -9.77
CA ASP B 225 -21.99 7.44 -8.63
C ASP B 225 -21.45 6.39 -7.67
N LEU B 226 -20.18 6.52 -7.30
CA LEU B 226 -19.54 5.52 -6.46
C LEU B 226 -19.17 6.14 -5.13
N TYR B 227 -18.87 5.27 -4.17
CA TYR B 227 -18.49 5.68 -2.82
C TYR B 227 -17.10 5.14 -2.51
N LEU B 228 -16.25 5.99 -1.96
CA LEU B 228 -14.95 5.56 -1.47
C LEU B 228 -15.14 4.62 -0.29
N ARG B 229 -14.25 3.65 -0.18
CA ARG B 229 -14.42 2.66 0.87
C ARG B 229 -14.25 3.32 2.24
N ILE B 230 -15.09 2.91 3.18
CA ILE B 230 -14.92 3.29 4.57
C ILE B 230 -14.25 2.21 5.38
N ALA B 231 -13.92 1.09 4.73
CA ALA B 231 -13.41 -0.14 5.33
C ALA B 231 -13.04 -1.05 4.18
N THR B 232 -12.16 -2.02 4.46
CA THR B 232 -11.91 -3.11 3.52
C THR B 232 -12.60 -4.41 3.94
N GLU B 233 -13.51 -4.31 4.91
CA GLU B 233 -14.10 -5.46 5.58
C GLU B 233 -14.76 -6.45 4.60
N LEU B 234 -15.67 -5.97 3.76
CA LEU B 234 -16.51 -6.91 3.03
C LEU B 234 -15.75 -7.69 1.96
N PRO B 235 -15.02 -7.07 1.04
CA PRO B 235 -14.31 -7.89 0.05
C PRO B 235 -13.31 -8.83 0.67
N LEU B 236 -12.66 -8.46 1.78
CA LEU B 236 -11.73 -9.42 2.37
C LEU B 236 -12.47 -10.67 2.80
N LYS B 237 -13.67 -10.49 3.34
CA LYS B 237 -14.42 -11.67 3.75
C LYS B 237 -14.83 -12.49 2.53
N MET B 238 -15.10 -11.85 1.39
CA MET B 238 -15.42 -12.63 0.20
C MET B 238 -14.21 -13.44 -0.25
N LEU B 239 -13.01 -12.93 -0.01
CA LEU B 239 -11.83 -13.72 -0.36
C LEU B 239 -11.69 -14.92 0.55
N ILE B 240 -12.17 -14.83 1.80
CA ILE B 240 -12.18 -15.99 2.69
C ILE B 240 -13.07 -17.09 2.12
N VAL B 241 -14.30 -16.73 1.74
CA VAL B 241 -15.20 -17.70 1.12
C VAL B 241 -14.50 -18.37 -0.04
N GLY B 242 -13.81 -17.58 -0.86
CA GLY B 242 -13.15 -18.10 -2.03
C GLY B 242 -11.92 -18.95 -1.76
N GLY B 243 -11.63 -19.26 -0.50
CA GLY B 243 -10.53 -20.14 -0.16
C GLY B 243 -9.20 -19.48 0.22
N ILE B 244 -9.12 -18.16 0.31
CA ILE B 244 -7.90 -17.48 0.76
C ILE B 244 -8.03 -17.34 2.27
N ASP B 245 -7.51 -18.31 3.01
CA ASP B 245 -7.89 -18.43 4.42
C ASP B 245 -7.15 -17.46 5.37
N LYS B 246 -6.06 -16.85 4.92
CA LYS B 246 -5.31 -15.88 5.73
C LYS B 246 -5.00 -14.73 4.77
N VAL B 247 -5.76 -13.63 4.87
CA VAL B 247 -5.71 -12.56 3.89
C VAL B 247 -5.73 -11.22 4.63
N TYR B 248 -5.09 -10.20 4.04
CA TYR B 248 -5.00 -8.90 4.70
C TYR B 248 -4.68 -7.78 3.70
N GLU B 249 -4.97 -6.55 4.13
CA GLU B 249 -4.71 -5.36 3.33
C GLU B 249 -4.29 -4.19 4.20
N ILE B 250 -3.27 -3.47 3.74
CA ILE B 250 -2.84 -2.20 4.32
C ILE B 250 -3.07 -1.11 3.30
N GLY B 251 -3.97 -0.18 3.59
CA GLY B 251 -4.20 0.90 2.64
C GLY B 251 -5.10 1.96 3.23
N LYS B 252 -5.38 2.97 2.41
CA LYS B 252 -6.23 4.05 2.87
C LYS B 252 -7.71 3.63 2.94
N VAL B 253 -8.42 4.18 3.92
CA VAL B 253 -9.87 4.26 3.89
C VAL B 253 -10.27 5.71 4.17
N PHE B 254 -11.53 6.00 3.91
CA PHE B 254 -12.01 7.37 3.82
C PHE B 254 -13.29 7.50 4.61
N ARG B 255 -13.36 8.50 5.48
CA ARG B 255 -14.57 8.78 6.22
C ARG B 255 -14.81 10.28 6.16
N ASN B 256 -15.99 10.68 5.69
CA ASN B 256 -16.25 12.06 5.30
C ASN B 256 -16.85 12.87 6.46
N GLU B 257 -16.07 12.98 7.56
CA GLU B 257 -16.50 13.67 8.77
C GLU B 257 -15.50 14.72 9.20
N GLY B 258 -15.72 15.32 10.37
CA GLY B 258 -14.89 16.43 10.81
C GLY B 258 -13.53 15.99 11.30
N ILE B 259 -12.54 16.85 11.07
CA ILE B 259 -11.18 16.66 11.56
C ILE B 259 -11.10 16.94 13.06
N ASP B 260 -10.32 16.12 13.77
CA ASP B 260 -9.84 16.44 15.11
C ASP B 260 -8.49 15.78 15.31
N ASN B 261 -8.04 15.73 16.55
CA ASN B 261 -6.68 15.29 16.87
C ASN B 261 -6.48 13.79 16.68
N THR B 262 -7.54 13.00 16.55
CA THR B 262 -7.36 11.58 16.26
C THR B 262 -8.23 11.14 15.09
N HIS B 263 -8.70 12.08 14.28
CA HIS B 263 -9.58 11.75 13.17
C HIS B 263 -9.18 12.59 11.96
N ASN B 264 -8.60 11.93 10.93
CA ASN B 264 -8.40 12.50 9.60
C ASN B 264 -9.32 11.80 8.60
N PRO B 265 -9.92 12.52 7.66
CA PRO B 265 -10.91 11.89 6.75
C PRO B 265 -10.34 10.77 5.91
N GLU B 266 -9.06 10.83 5.55
CA GLU B 266 -8.39 9.69 4.95
C GLU B 266 -7.31 9.21 5.91
N PHE B 267 -7.37 7.93 6.26
CA PHE B 267 -6.41 7.36 7.18
C PHE B 267 -6.02 5.95 6.73
N THR B 268 -5.01 5.43 7.40
CA THR B 268 -4.34 4.21 7.03
C THR B 268 -4.74 3.10 7.97
N SER B 269 -5.34 2.05 7.43
CA SER B 269 -5.80 0.94 8.22
C SER B 269 -5.22 -0.33 7.65
N CYS B 270 -5.02 -1.29 8.54
CA CYS B 270 -4.73 -2.67 8.19
C CYS B 270 -5.86 -3.56 8.71
N GLU B 271 -6.36 -4.44 7.84
CA GLU B 271 -7.38 -5.42 8.23
C GLU B 271 -6.92 -6.79 7.77
N PHE B 272 -7.06 -7.78 8.64
CA PHE B 272 -6.75 -9.15 8.27
C PHE B 272 -7.92 -10.06 8.64
N TYR B 273 -7.97 -11.21 7.98
CA TYR B 273 -8.99 -12.22 8.21
C TYR B 273 -8.34 -13.58 8.26
N TRP B 274 -8.76 -14.36 9.26
CA TRP B 274 -8.05 -15.56 9.68
C TRP B 274 -9.12 -16.63 9.87
N ALA B 275 -9.36 -17.42 8.83
CA ALA B 275 -10.35 -18.49 8.89
C ALA B 275 -9.94 -19.51 9.93
N TYR B 276 -10.93 -19.94 10.73
CA TYR B 276 -10.84 -20.90 11.84
C TYR B 276 -10.25 -20.29 13.10
N ALA B 277 -10.18 -18.96 13.18
CA ALA B 277 -9.71 -18.24 14.35
C ALA B 277 -10.88 -17.73 15.16
N ASP B 278 -10.71 -17.72 16.47
CA ASP B 278 -11.78 -17.22 17.32
C ASP B 278 -11.27 -16.15 18.28
N TYR B 279 -12.11 -15.82 19.25
CA TYR B 279 -11.82 -14.73 20.17
C TYR B 279 -10.43 -14.88 20.77
N ASN B 280 -10.09 -16.07 21.26
CA ASN B 280 -8.83 -16.22 21.94
C ASN B 280 -7.63 -16.03 21.01
N ASP B 281 -7.76 -16.45 19.75
CA ASP B 281 -6.67 -16.25 18.79
C ASP B 281 -6.41 -14.77 18.52
N LEU B 282 -7.47 -13.97 18.42
CA LEU B 282 -7.30 -12.55 18.15
C LEU B 282 -6.71 -11.83 19.36
N ILE B 283 -7.16 -12.18 20.57
CA ILE B 283 -6.57 -11.60 21.79
C ILE B 283 -5.08 -11.86 21.82
N LYS B 284 -4.71 -13.13 21.63
CA LYS B 284 -3.30 -13.50 21.65
C LYS B 284 -2.51 -12.76 20.57
N TRP B 285 -3.07 -12.68 19.36
CA TRP B 285 -2.38 -11.99 18.29
C TRP B 285 -2.14 -10.53 18.65
N SER B 286 -3.15 -9.88 19.23
CA SER B 286 -3.00 -8.48 19.61
C SER B 286 -1.84 -8.32 20.60
N GLU B 287 -1.81 -9.14 21.65
CA GLU B 287 -0.76 -9.04 22.66
C GLU B 287 0.60 -9.35 22.09
N ASP B 288 0.69 -10.40 21.26
CA ASP B 288 1.96 -10.76 20.63
C ASP B 288 2.45 -9.64 19.72
N PHE B 289 1.54 -9.04 18.94
CA PHE B 289 1.99 -8.04 17.99
C PHE B 289 2.46 -6.77 18.71
N PHE B 290 1.65 -6.29 19.66
CA PHE B 290 1.96 -5.02 20.29
C PHE B 290 3.17 -5.12 21.18
N SER B 291 3.31 -6.21 21.93
CA SER B 291 4.47 -6.31 22.82
C SER B 291 5.74 -6.53 22.01
N GLN B 292 5.66 -7.26 20.90
CA GLN B 292 6.84 -7.48 20.08
C GLN B 292 7.21 -6.25 19.25
N LEU B 293 6.22 -5.43 18.87
CA LEU B 293 6.50 -4.23 18.09
C LEU B 293 7.25 -3.19 18.91
N VAL B 294 6.78 -2.96 20.15
CA VAL B 294 7.43 -2.00 21.04
C VAL B 294 8.85 -2.46 21.39
N TYR B 295 9.04 -3.76 21.64
CA TYR B 295 10.37 -4.26 21.90
C TYR B 295 11.29 -4.10 20.70
N HIS B 296 10.75 -4.28 19.49
CA HIS B 296 11.53 -4.15 18.27
C HIS B 296 12.05 -2.72 18.08
N LEU B 297 11.25 -1.73 18.45
CA LEU B 297 11.58 -0.33 18.20
C LEU B 297 12.48 0.24 19.30
N PHE B 298 12.23 -0.13 20.56
CA PHE B 298 12.87 0.53 21.69
C PHE B 298 13.75 -0.37 22.55
N GLY B 299 13.66 -1.69 22.42
CA GLY B 299 14.42 -2.59 23.26
C GLY B 299 13.87 -2.78 24.67
N THR B 300 12.71 -2.20 24.98
CA THR B 300 12.04 -2.34 26.25
C THR B 300 10.54 -2.44 25.99
N TYR B 301 9.81 -2.97 26.96
CA TYR B 301 8.36 -3.01 26.84
C TYR B 301 7.70 -1.73 27.32
N LYS B 302 8.46 -0.81 27.92
CA LYS B 302 7.93 0.38 28.57
C LYS B 302 8.35 1.61 27.76
N ILE B 303 7.41 2.53 27.54
CA ILE B 303 7.65 3.77 26.81
C ILE B 303 6.99 4.91 27.55
N SER B 304 7.47 6.12 27.29
CA SER B 304 6.94 7.34 27.89
C SER B 304 6.07 8.04 26.86
N TYR B 305 4.90 8.49 27.28
CA TYR B 305 3.99 9.17 26.36
C TYR B 305 3.43 10.40 27.05
N ASN B 306 3.49 11.53 26.35
CA ASN B 306 3.00 12.80 26.86
C ASN B 306 1.54 12.96 26.48
N LYS B 307 0.67 12.30 27.26
CA LYS B 307 -0.76 12.37 27.04
C LYS B 307 -1.26 13.81 26.98
N ASP B 308 -0.64 14.71 27.74
CA ASP B 308 -1.12 16.08 27.89
C ASP B 308 -0.16 17.12 27.31
N GLY B 309 0.54 16.79 26.23
CA GLY B 309 1.44 17.72 25.58
C GLY B 309 2.87 17.61 26.05
N PRO B 310 3.81 18.18 25.27
CA PRO B 310 5.21 18.21 25.72
C PRO B 310 5.42 19.14 26.90
N GLU B 311 4.42 19.97 27.22
CA GLU B 311 4.45 20.88 28.34
C GLU B 311 4.18 20.20 29.68
N ASN B 312 3.71 18.95 29.69
CA ASN B 312 3.36 18.27 30.92
C ASN B 312 4.16 16.99 31.02
N GLN B 313 4.21 16.44 32.22
CA GLN B 313 5.02 15.26 32.46
C GLN B 313 4.45 14.06 31.72
N PRO B 314 5.29 13.17 31.20
CA PRO B 314 4.79 11.98 30.52
C PRO B 314 4.26 10.95 31.50
N ILE B 315 3.50 10.00 30.96
CA ILE B 315 3.10 8.80 31.68
C ILE B 315 3.83 7.63 31.07
N GLU B 316 3.91 6.54 31.82
CA GLU B 316 4.62 5.35 31.39
C GLU B 316 3.60 4.29 30.99
N ILE B 317 3.72 3.80 29.76
CA ILE B 317 2.82 2.78 29.24
C ILE B 317 3.61 1.48 29.12
N ASP B 318 3.13 0.44 29.78
CA ASP B 318 3.81 -0.84 29.89
C ASP B 318 3.12 -1.81 28.94
N PHE B 319 3.87 -2.30 27.93
CA PHE B 319 3.32 -3.19 26.92
C PHE B 319 3.65 -4.64 27.21
N THR B 320 4.20 -4.93 28.37
CA THR B 320 4.39 -6.31 28.80
C THR B 320 3.03 -7.02 28.80
N PRO B 321 2.87 -8.08 28.02
CA PRO B 321 1.63 -8.85 28.09
C PRO B 321 1.54 -9.60 29.40
N PRO B 322 0.35 -10.14 29.76
CA PRO B 322 -0.95 -9.96 29.11
C PRO B 322 -1.64 -8.68 29.57
N TYR B 323 -2.60 -8.18 28.81
CA TYR B 323 -3.31 -6.93 29.02
C TYR B 323 -4.69 -7.21 29.61
N PRO B 324 -5.21 -6.34 30.47
CA PRO B 324 -6.51 -6.64 31.10
C PRO B 324 -7.64 -6.63 30.08
N LYS B 325 -8.71 -7.34 30.42
CA LYS B 325 -9.93 -7.39 29.64
C LYS B 325 -11.06 -6.91 30.53
N VAL B 326 -12.00 -6.18 29.96
CA VAL B 326 -13.09 -5.54 30.70
C VAL B 326 -14.40 -5.70 29.92
N SER B 327 -15.42 -6.31 30.53
CA SER B 327 -16.70 -6.53 29.84
C SER B 327 -17.56 -5.27 29.85
N ILE B 328 -17.98 -4.84 28.66
CA ILE B 328 -18.53 -3.49 28.56
C ILE B 328 -19.87 -3.38 29.30
N VAL B 329 -20.77 -4.36 29.17
CA VAL B 329 -22.07 -4.26 29.86
C VAL B 329 -21.91 -4.38 31.37
N GLU B 330 -21.13 -5.35 31.83
CA GLU B 330 -20.94 -5.54 33.25
C GLU B 330 -20.31 -4.31 33.90
N GLU B 331 -19.28 -3.73 33.25
CA GLU B 331 -18.52 -2.64 33.84
C GLU B 331 -19.32 -1.36 33.92
N ILE B 332 -20.08 -1.03 32.86
CA ILE B 332 -20.98 0.11 32.94
C ILE B 332 -21.95 -0.07 34.09
N GLU B 333 -22.46 -1.29 34.27
CA GLU B 333 -23.42 -1.53 35.35
C GLU B 333 -22.77 -1.30 36.71
N LYS B 334 -21.52 -1.72 36.91
CA LYS B 334 -20.84 -1.50 38.18
C LYS B 334 -20.68 -0.01 38.46
N VAL B 335 -20.09 0.74 37.51
CA VAL B 335 -19.74 2.12 37.81
C VAL B 335 -20.99 3.01 37.89
N THR B 336 -22.05 2.68 37.15
CA THR B 336 -23.28 3.47 37.25
C THR B 336 -24.29 2.92 38.27
N ASN B 337 -23.95 1.83 38.99
CA ASN B 337 -24.83 1.19 39.99
C ASN B 337 -26.26 1.04 39.48
N THR B 338 -26.38 0.75 38.17
CA THR B 338 -27.71 0.60 37.51
C THR B 338 -27.71 -0.62 36.59
N ILE B 339 -28.71 -1.50 36.71
CA ILE B 339 -28.75 -2.76 35.91
C ILE B 339 -29.44 -2.48 34.57
N LEU B 340 -28.81 -2.89 33.46
CA LEU B 340 -29.41 -2.69 32.12
C LEU B 340 -29.83 -4.06 31.60
N GLU B 341 -31.13 -4.25 31.37
CA GLU B 341 -31.64 -5.61 31.03
C GLU B 341 -31.40 -6.00 29.56
N GLN B 342 -31.24 -7.30 29.30
CA GLN B 342 -30.91 -7.85 27.94
C GLN B 342 -31.72 -7.30 26.77
N PRO B 343 -33.03 -6.97 26.87
CA PRO B 343 -33.72 -6.33 25.74
C PRO B 343 -33.19 -4.89 25.72
N PHE B 344 -31.98 -4.68 25.21
CA PHE B 344 -31.34 -3.34 25.29
C PHE B 344 -32.12 -2.31 24.47
N ASP B 345 -33.05 -2.76 23.63
CA ASP B 345 -33.87 -1.85 22.79
C ASP B 345 -35.21 -1.56 23.48
N SER B 346 -35.45 -2.17 24.64
CA SER B 346 -36.73 -1.97 25.36
C SER B 346 -36.88 -0.50 25.72
N ASN B 347 -38.13 -0.03 25.80
CA ASN B 347 -38.34 1.37 26.22
C ASN B 347 -37.86 1.52 27.66
N GLU B 348 -38.03 0.49 28.50
CA GLU B 348 -37.47 0.62 29.85
C GLU B 348 -35.96 0.83 29.79
N THR B 349 -35.26 0.01 29.01
CA THR B 349 -33.79 0.04 29.05
C THR B 349 -33.24 1.30 28.37
N ILE B 350 -33.84 1.74 27.27
CA ILE B 350 -33.42 2.99 26.67
C ILE B 350 -33.66 4.14 27.64
N GLU B 351 -34.84 4.18 28.27
CA GLU B 351 -35.13 5.23 29.23
C GLU B 351 -34.14 5.23 30.38
N LYS B 352 -33.76 4.05 30.87
CA LYS B 352 -32.80 3.98 31.97
C LYS B 352 -31.46 4.59 31.58
N MET B 353 -30.96 4.30 30.37
CA MET B 353 -29.67 4.83 29.94
C MET B 353 -29.73 6.32 29.65
N ILE B 354 -30.86 6.80 29.12
CA ILE B 354 -31.00 8.24 28.92
C ILE B 354 -30.90 8.96 30.26
N ASN B 355 -31.55 8.41 31.30
CA ASN B 355 -31.55 9.06 32.61
C ASN B 355 -30.16 9.19 33.16
N ILE B 356 -29.35 8.13 33.08
CA ILE B 356 -27.97 8.22 33.55
C ILE B 356 -27.22 9.32 32.80
N ILE B 357 -27.53 9.47 31.51
CA ILE B 357 -26.90 10.54 30.72
C ILE B 357 -27.32 11.89 31.26
N LYS B 358 -28.61 12.05 31.54
CA LYS B 358 -29.11 13.26 32.19
C LYS B 358 -28.43 13.50 33.54
N GLU B 359 -28.41 12.48 34.41
CA GLU B 359 -27.90 12.68 35.76
C GLU B 359 -26.43 13.08 35.78
N HIS B 360 -25.66 12.64 34.81
CA HIS B 360 -24.24 12.98 34.78
C HIS B 360 -23.93 14.13 33.81
N LYS B 361 -24.95 14.68 33.13
CA LYS B 361 -24.79 15.79 32.18
C LYS B 361 -23.85 15.41 31.03
N ILE B 362 -24.17 14.29 30.39
CA ILE B 362 -23.47 13.80 29.21
C ILE B 362 -24.31 14.19 27.99
N GLU B 363 -23.66 14.43 26.85
CA GLU B 363 -24.40 14.74 25.63
C GLU B 363 -25.29 13.57 25.23
N LEU B 364 -26.53 13.88 24.89
CA LEU B 364 -27.45 12.87 24.40
C LEU B 364 -27.31 12.80 22.88
N PRO B 365 -26.93 11.65 22.32
CA PRO B 365 -26.64 11.59 20.87
C PRO B 365 -27.93 11.63 20.07
N ASN B 366 -27.79 11.95 18.79
CA ASN B 366 -28.94 12.01 17.90
C ASN B 366 -28.74 11.09 16.70
N PRO B 367 -29.66 10.15 16.44
CA PRO B 367 -30.83 9.83 17.27
C PRO B 367 -30.39 9.16 18.57
N PRO B 368 -31.18 9.24 19.64
CA PRO B 368 -30.89 8.43 20.84
C PRO B 368 -31.17 6.93 20.65
N THR B 369 -30.29 6.27 19.90
CA THR B 369 -30.41 4.84 19.66
C THR B 369 -29.62 4.07 20.71
N ALA B 370 -30.08 2.84 21.00
CA ALA B 370 -29.47 2.05 22.07
C ALA B 370 -27.98 1.84 21.82
N ALA B 371 -27.58 1.65 20.57
CA ALA B 371 -26.17 1.47 20.24
C ALA B 371 -25.36 2.73 20.53
N LYS B 372 -25.84 3.88 20.06
CA LYS B 372 -25.17 5.14 20.36
C LYS B 372 -25.18 5.43 21.85
N LEU B 373 -26.28 5.07 22.54
CA LEU B 373 -26.35 5.29 23.98
C LEU B 373 -25.30 4.47 24.72
N LEU B 374 -25.14 3.20 24.34
CA LEU B 374 -24.13 2.37 25.00
C LEU B 374 -22.73 2.90 24.73
N ASP B 375 -22.46 3.28 23.48
CA ASP B 375 -21.16 3.85 23.16
C ASP B 375 -20.88 5.10 24.00
N GLN B 376 -21.84 6.01 24.07
CA GLN B 376 -21.60 7.21 24.86
C GLN B 376 -21.30 6.85 26.31
N LEU B 377 -22.08 5.91 26.88
CA LEU B 377 -21.79 5.44 28.23
C LEU B 377 -20.37 4.91 28.33
N ALA B 378 -19.94 4.11 27.35
CA ALA B 378 -18.61 3.52 27.42
C ALA B 378 -17.52 4.58 27.34
N SER B 379 -17.69 5.59 26.48
CA SER B 379 -16.65 6.63 26.32
C SER B 379 -16.39 7.35 27.61
N HIS B 380 -17.41 7.50 28.46
CA HIS B 380 -17.26 8.25 29.70
C HIS B 380 -16.82 7.41 30.89
N PHE B 381 -17.22 6.14 30.98
CA PHE B 381 -17.04 5.36 32.21
C PHE B 381 -15.99 4.26 32.15
N ILE B 382 -15.62 3.78 30.96
CA ILE B 382 -14.66 2.68 30.83
C ILE B 382 -13.41 3.09 30.08
N GLU B 383 -13.56 3.86 28.99
CA GLU B 383 -12.46 4.01 28.04
C GLU B 383 -11.25 4.75 28.61
N ASN B 384 -11.38 5.41 29.76
CA ASN B 384 -10.22 5.99 30.43
C ASN B 384 -9.87 5.27 31.73
N LYS B 385 -10.31 4.00 31.88
CA LYS B 385 -10.05 3.23 33.09
C LYS B 385 -8.58 2.94 33.29
N TYR B 386 -7.82 2.73 32.21
CA TYR B 386 -6.39 2.48 32.29
C TYR B 386 -5.66 3.45 31.37
N ASN B 387 -4.53 4.00 31.86
CA ASN B 387 -3.53 4.62 31.01
C ASN B 387 -2.14 4.00 31.16
N ASP B 388 -1.87 3.29 32.27
CA ASP B 388 -0.59 2.65 32.49
C ASP B 388 -0.31 1.55 31.49
N LYS B 389 -1.35 0.98 30.88
CA LYS B 389 -1.16 -0.16 30.01
C LYS B 389 -2.32 -0.23 29.04
N PRO B 390 -2.12 -0.80 27.85
CA PRO B 390 -3.26 -1.07 26.98
C PRO B 390 -4.20 -2.05 27.66
N PHE B 391 -5.49 -1.93 27.33
CA PHE B 391 -6.44 -2.93 27.77
C PHE B 391 -7.56 -3.09 26.73
N PHE B 392 -8.28 -4.21 26.84
CA PHE B 392 -9.38 -4.56 25.94
C PHE B 392 -10.73 -4.32 26.59
N ILE B 393 -11.66 -3.81 25.79
CA ILE B 393 -13.08 -3.81 26.13
C ILE B 393 -13.74 -4.90 25.28
N VAL B 394 -14.46 -5.82 25.91
CA VAL B 394 -14.86 -7.06 25.26
C VAL B 394 -16.37 -7.27 25.38
N GLU B 395 -16.89 -8.20 24.56
CA GLU B 395 -18.22 -8.75 24.73
C GLU B 395 -19.33 -7.71 24.58
N HIS B 396 -19.24 -6.88 23.55
CA HIS B 396 -20.24 -5.87 23.29
C HIS B 396 -21.60 -6.51 22.94
N PRO B 397 -22.68 -5.84 23.31
CA PRO B 397 -24.03 -6.29 22.90
C PRO B 397 -24.19 -6.41 21.39
N GLN B 398 -24.97 -7.41 20.95
CA GLN B 398 -25.17 -7.62 19.52
C GLN B 398 -25.63 -6.35 18.80
N ILE B 399 -26.43 -5.51 19.46
CA ILE B 399 -26.95 -4.31 18.82
C ILE B 399 -25.84 -3.31 18.47
N MET B 400 -24.67 -3.38 19.12
CA MET B 400 -23.56 -2.53 18.71
C MET B 400 -22.66 -3.12 17.61
N SER B 401 -22.78 -4.40 17.27
CA SER B 401 -21.87 -5.04 16.32
C SER B 401 -22.65 -6.00 15.44
N PRO B 402 -23.43 -5.48 14.49
CA PRO B 402 -24.35 -6.34 13.73
C PRO B 402 -23.65 -7.31 12.80
N LEU B 403 -22.33 -7.22 12.62
CA LEU B 403 -21.55 -8.18 11.85
C LEU B 403 -20.82 -9.20 12.72
N ALA B 404 -20.88 -9.07 14.03
CA ALA B 404 -20.13 -9.96 14.93
C ALA B 404 -20.94 -11.19 15.30
N LYS B 405 -20.26 -12.33 15.41
CA LYS B 405 -20.92 -13.57 15.79
C LYS B 405 -21.36 -13.52 17.25
N TYR B 406 -22.42 -14.26 17.56
CA TYR B 406 -23.00 -14.24 18.91
C TYR B 406 -22.05 -14.87 19.91
N HIS B 407 -22.10 -14.36 21.14
CA HIS B 407 -21.36 -14.93 22.25
C HIS B 407 -21.89 -16.32 22.59
N ARG B 408 -20.98 -17.24 22.91
CA ARG B 408 -21.35 -18.65 23.01
C ARG B 408 -21.96 -19.04 24.36
N THR B 409 -21.82 -18.20 25.39
CA THR B 409 -22.48 -18.46 26.66
C THR B 409 -23.36 -17.32 27.18
N LYS B 410 -23.10 -16.05 26.81
CA LYS B 410 -23.84 -14.94 27.40
C LYS B 410 -24.87 -14.43 26.41
N PRO B 411 -26.16 -14.61 26.66
CA PRO B 411 -27.17 -14.16 25.70
C PRO B 411 -27.11 -12.65 25.49
N GLY B 412 -27.21 -12.22 24.23
CA GLY B 412 -27.31 -10.84 23.86
C GLY B 412 -26.01 -10.20 23.44
N LEU B 413 -24.88 -10.86 23.70
CA LEU B 413 -23.56 -10.30 23.51
C LEU B 413 -22.86 -10.97 22.32
N THR B 414 -21.65 -10.49 22.03
CA THR B 414 -20.78 -11.05 21.00
C THR B 414 -19.43 -11.32 21.63
N GLU B 415 -18.56 -11.97 20.88
CA GLU B 415 -17.15 -12.15 21.29
C GLU B 415 -16.28 -11.11 20.59
N ARG B 416 -16.57 -9.85 20.87
CA ARG B 416 -15.88 -8.72 20.27
C ARG B 416 -14.85 -8.11 21.22
N LEU B 417 -13.74 -7.65 20.65
CA LEU B 417 -12.73 -6.99 21.46
C LEU B 417 -12.28 -5.68 20.80
N GLU B 418 -11.93 -4.73 21.66
CA GLU B 418 -11.43 -3.43 21.25
C GLU B 418 -10.28 -3.08 22.15
N MET B 419 -9.17 -2.68 21.57
CA MET B 419 -8.00 -2.41 22.39
C MET B 419 -7.84 -0.90 22.50
N PHE B 420 -7.57 -0.43 23.72
CA PHE B 420 -7.41 0.99 23.99
C PHE B 420 -6.03 1.26 24.55
N ILE B 421 -5.44 2.35 24.06
CA ILE B 421 -4.25 2.93 24.66
C ILE B 421 -4.62 4.34 25.05
N CYS B 422 -4.45 4.65 26.33
CA CYS B 422 -4.53 6.03 26.78
C CYS B 422 -5.87 6.64 26.38
N GLY B 423 -6.94 5.88 26.56
CA GLY B 423 -8.28 6.34 26.23
C GLY B 423 -8.66 6.32 24.76
N LYS B 424 -7.86 5.71 23.89
CA LYS B 424 -8.07 5.80 22.45
C LYS B 424 -8.11 4.42 21.80
N GLU B 425 -9.12 4.19 20.97
CA GLU B 425 -9.28 2.92 20.30
C GLU B 425 -8.22 2.76 19.21
N VAL B 426 -7.55 1.62 19.25
CA VAL B 426 -6.43 1.35 18.36
C VAL B 426 -6.66 0.11 17.52
N LEU B 427 -7.53 -0.79 17.97
CA LEU B 427 -7.64 -2.14 17.42
C LEU B 427 -9.03 -2.65 17.73
N ASN B 428 -9.62 -3.34 16.77
CA ASN B 428 -11.03 -3.66 16.83
C ASN B 428 -11.20 -4.99 16.09
N ALA B 429 -11.78 -5.99 16.75
CA ALA B 429 -11.75 -7.36 16.24
C ALA B 429 -12.97 -8.14 16.72
N TYR B 430 -13.33 -9.21 15.98
CA TYR B 430 -14.32 -10.17 16.46
C TYR B 430 -14.39 -11.42 15.58
N THR B 431 -14.95 -12.49 16.16
CA THR B 431 -15.42 -13.61 15.34
C THR B 431 -16.57 -13.13 14.46
N GLU B 432 -16.57 -13.57 13.22
CA GLU B 432 -17.51 -13.04 12.24
C GLU B 432 -18.85 -13.77 12.29
N LEU B 433 -19.94 -13.02 12.17
CA LEU B 433 -21.24 -13.64 11.99
C LEU B 433 -21.28 -14.29 10.60
N ASN B 434 -21.55 -15.58 10.56
CA ASN B 434 -21.42 -16.29 9.28
C ASN B 434 -22.68 -17.07 8.93
N ASP B 435 -23.76 -16.95 9.70
CA ASP B 435 -25.04 -17.53 9.35
C ASP B 435 -25.83 -16.50 8.55
N PRO B 436 -26.10 -16.72 7.26
CA PRO B 436 -26.80 -15.68 6.47
C PRO B 436 -28.20 -15.39 6.98
N PHE B 437 -28.82 -16.31 7.72
CA PHE B 437 -30.15 -16.06 8.25
C PHE B 437 -30.12 -15.09 9.43
N LYS B 438 -29.06 -15.12 10.23
CA LYS B 438 -28.95 -14.25 11.40
C LYS B 438 -28.40 -12.88 11.04
N GLN B 439 -28.11 -12.63 9.78
CA GLN B 439 -27.69 -11.29 9.35
C GLN B 439 -28.95 -10.45 9.24
N LYS B 440 -29.19 -9.62 10.26
CA LYS B 440 -30.34 -8.72 10.24
C LYS B 440 -30.26 -7.72 9.09
N GLU B 441 -29.07 -7.20 8.80
CA GLU B 441 -28.93 -6.25 7.69
C GLU B 441 -29.15 -6.89 6.32
N CYS B 442 -29.20 -8.22 6.22
CA CYS B 442 -29.39 -8.91 4.94
C CYS B 442 -30.89 -9.12 4.69
N PHE B 443 -31.57 -8.02 4.41
CA PHE B 443 -32.99 -8.03 4.08
C PHE B 443 -33.20 -8.24 2.58
N ASP B 461 -23.15 -4.32 -0.37
CA ASP B 461 -23.64 -5.14 0.74
C ASP B 461 -24.39 -6.34 0.20
N SER B 462 -25.17 -6.13 -0.86
CA SER B 462 -25.95 -7.22 -1.43
C SER B 462 -25.05 -8.32 -1.96
N ALA B 463 -23.94 -7.95 -2.62
CA ALA B 463 -22.93 -8.93 -3.02
C ALA B 463 -22.40 -9.73 -1.86
N PHE B 464 -22.34 -9.13 -0.66
CA PHE B 464 -21.77 -9.81 0.50
C PHE B 464 -22.76 -10.79 1.13
N CYS B 465 -24.04 -10.42 1.18
CA CYS B 465 -25.05 -11.36 1.66
C CYS B 465 -25.13 -12.58 0.76
N THR B 466 -25.00 -12.39 -0.56
CA THR B 466 -24.97 -13.53 -1.50
C THR B 466 -23.77 -14.40 -1.21
N SER B 467 -22.60 -13.79 -0.98
CA SER B 467 -21.37 -14.53 -0.75
C SER B 467 -21.49 -15.42 0.48
N LEU B 468 -22.10 -14.91 1.56
CA LEU B 468 -22.29 -15.71 2.76
C LEU B 468 -23.05 -17.01 2.46
N GLU B 469 -23.95 -16.98 1.48
CA GLU B 469 -24.73 -18.17 1.20
C GLU B 469 -23.90 -19.28 0.57
N TYR B 470 -22.68 -18.99 0.11
CA TYR B 470 -21.79 -20.05 -0.38
C TYR B 470 -20.94 -20.65 0.73
N GLY B 471 -21.08 -20.20 1.98
CA GLY B 471 -20.37 -20.81 3.09
C GLY B 471 -19.11 -20.07 3.50
N LEU B 472 -19.22 -19.25 4.56
CA LEU B 472 -18.04 -18.63 5.13
C LEU B 472 -17.62 -19.43 6.34
N PRO B 473 -16.43 -20.01 6.37
CA PRO B 473 -16.02 -20.77 7.55
C PRO B 473 -16.03 -19.89 8.77
N PRO B 474 -16.04 -20.47 9.97
CA PRO B 474 -15.78 -19.66 11.16
C PRO B 474 -14.53 -18.82 10.95
N THR B 475 -14.63 -17.50 11.11
CA THR B 475 -13.54 -16.60 10.80
C THR B 475 -13.42 -15.52 11.86
N GLY B 476 -12.17 -15.16 12.18
CA GLY B 476 -11.88 -14.00 13.02
C GLY B 476 -11.27 -12.86 12.21
N GLY B 477 -11.77 -11.64 12.44
CA GLY B 477 -11.26 -10.49 11.73
C GLY B 477 -10.71 -9.44 12.68
N LEU B 478 -9.89 -8.51 12.17
CA LEU B 478 -9.21 -7.57 13.05
C LEU B 478 -8.76 -6.38 12.21
N GLY B 479 -8.98 -5.17 12.75
CA GLY B 479 -8.50 -3.95 12.11
C GLY B 479 -7.70 -3.08 13.05
N LEU B 480 -6.66 -2.44 12.49
CA LEU B 480 -5.73 -1.60 13.23
C LEU B 480 -5.72 -0.18 12.66
N GLY B 481 -5.54 0.79 13.54
CA GLY B 481 -5.34 2.16 13.10
C GLY B 481 -3.86 2.47 13.04
N ILE B 482 -3.28 2.54 11.85
CA ILE B 482 -1.84 2.67 11.75
C ILE B 482 -1.38 4.03 12.24
N ASP B 483 -2.15 5.06 11.88
CA ASP B 483 -1.79 6.42 12.29
C ASP B 483 -1.82 6.56 13.81
N ARG B 484 -2.84 6.00 14.47
CA ARG B 484 -2.94 6.16 15.93
C ARG B 484 -1.85 5.40 16.63
N ILE B 485 -1.53 4.20 16.15
CA ILE B 485 -0.42 3.45 16.73
C ILE B 485 0.85 4.26 16.62
N THR B 486 1.03 4.92 15.47
CA THR B 486 2.28 5.67 15.25
C THR B 486 2.38 6.84 16.22
N MET B 487 1.26 7.55 16.45
CA MET B 487 1.27 8.68 17.37
C MET B 487 1.76 8.29 18.75
N PHE B 488 1.29 7.14 19.26
CA PHE B 488 1.68 6.67 20.58
C PHE B 488 3.13 6.22 20.61
N LEU B 489 3.71 5.85 19.47
CA LEU B 489 5.07 5.33 19.50
C LEU B 489 6.10 6.37 19.07
N THR B 490 5.66 7.54 18.62
CA THR B 490 6.52 8.69 18.33
C THR B 490 6.12 9.89 19.19
N ASN B 491 5.38 9.63 20.25
CA ASN B 491 5.08 10.63 21.27
C ASN B 491 4.41 11.87 20.69
N LYS B 492 3.34 11.66 19.92
CA LYS B 492 2.58 12.74 19.30
C LYS B 492 1.18 12.83 19.88
N ASN B 493 0.63 14.04 19.87
CA ASN B 493 -0.71 14.37 20.36
C ASN B 493 -1.71 14.55 19.25
N SER B 494 -1.23 14.87 18.05
CA SER B 494 -2.10 15.22 16.94
C SER B 494 -1.75 14.32 15.78
N ILE B 495 -2.78 13.85 15.08
CA ILE B 495 -2.59 12.95 13.95
C ILE B 495 -1.82 13.65 12.83
N LYS B 496 -1.95 14.98 12.73
CA LYS B 496 -1.26 15.72 11.67
C LYS B 496 0.24 15.53 11.72
N ASP B 497 0.79 15.14 12.87
CA ASP B 497 2.23 15.06 13.02
C ASP B 497 2.78 13.71 12.61
N VAL B 498 1.95 12.77 12.18
CA VAL B 498 2.45 11.52 11.64
C VAL B 498 2.02 11.28 10.20
N ILE B 499 1.22 12.17 9.63
CA ILE B 499 0.83 12.12 8.24
C ILE B 499 1.64 13.17 7.50
N LEU B 500 2.32 12.75 6.42
CA LEU B 500 3.30 13.61 5.75
C LEU B 500 2.65 14.89 5.22
N PHE B 501 1.50 14.77 4.56
CA PHE B 501 0.83 15.91 3.95
C PHE B 501 -0.64 15.93 4.36
N PRO B 502 -0.95 16.38 5.57
CA PRO B 502 -2.36 16.46 5.99
C PRO B 502 -3.09 17.53 5.20
N THR B 503 -4.34 17.27 4.88
CA THR B 503 -5.08 18.15 3.99
C THR B 503 -5.69 19.25 4.85
N MET B 504 -5.51 20.50 4.39
CA MET B 504 -5.95 21.70 5.08
C MET B 504 -6.49 22.71 4.07
N ARG B 505 -7.31 23.63 4.55
CA ARG B 505 -7.84 24.67 3.67
C ARG B 505 -6.72 25.54 3.14
N PRO B 506 -6.80 25.98 1.87
CA PRO B 506 -5.79 26.91 1.36
C PRO B 506 -6.01 28.33 1.86
#